data_9KN3
#
_entry.id   9KN3
#
_cell.length_a   1.00
_cell.length_b   1.00
_cell.length_c   1.00
_cell.angle_alpha   90.00
_cell.angle_beta   90.00
_cell.angle_gamma   90.00
#
_symmetry.space_group_name_H-M   'P 1'
#
loop_
_entity.id
_entity.type
_entity.pdbx_description
1 polymer 'LPS-assembly protein LptD'
2 polymer 'LPS-assembly lipoprotein LptE'
3 polymer 'Uncharacterized lipoprotein YifL'
#
loop_
_entity_poly.entity_id
_entity_poly.type
_entity_poly.pdbx_seq_one_letter_code
_entity_poly.pdbx_strand_id
1 'polypeptide(L)'
;ADLASQCMLGVPSYDRPLVQGDTNDLPVTINADHAKGDYPDDAVFTGSVDIMQGNSRLQADEVQLHQKEAPGQPEPVRTV
DALGNVHYDDNQVILKGPKGWANLNTKDTNVWEGDYQMVGRQGRGKADLMKQRGENRYTILDNGSFTSCLPGSDTWSVVG
SEIIHDREEQVAEIWNARFKVGPVPIFYSPYLQLPVGDKRRSGFLIPNAKYTTTNYFEFYLPYYWNIAPNMDATITPHYM
HRRGNIMWENEFRYLSQAGAGLMELDYLPSDKVYEDEHPNDDSSRRWLFYWNHSGVMDQVWRFNVDYTKVSDPSYFNDFD
NKYGSSTDGYATQKFSVGYAVQNFNATVSTKQFQVFSEQNTSSYSAEPQLDVNYYQNDVGPFDTRIYGQAVHFVNTRDDM
PEATRVHLEPTINLPLSNNWGSINTEAKLLATHYQQTNLDWYNSRNTTKLDESVNRVMPQFKVDGKMVFERDMEMLAPGY
TQTLEPRAQYLYVPYRDQSDIYNYDSSLLQSDYSGLFRDRTYGGLDRIASANQVTTGVTSRIYDDAAVERFNISVGQIYY
FTESRTGDDNITWENDDKTGSLVWAGDTYWRISERWGLRGGIQYDTRLDNVATSNSSIEYRRDEDRLVQLNYRYASPEYI
QATLPKYYSTAEQYKNGISQVGAVASWPIADRWSIVGAYYYDTNANKQADSMLGVQYSSCCYAIRVGYERKLNGWDNDKQ
HAVYDNAIGFNIELRGLSSNYGLGTQEMLRSNILPYQNTL
;
A
2 'polypeptide(L)'
;CGWHLRDTTQVPSTMKVMILDSGDPNGPLSRAVRNQLRLNGVELLDKETTRKDVPSLRLGKVSIAKDTASVFRNGQTAEY
QMIMTVNATVLIPGRDIYPISAKVFRSFFDNPQMALAKDNEQDMIVKEMYDRAAEQLIRKLPSIRAADIRSDEEQTSTTT
DTPATPARVSTTLGN
;
B
3 'polypeptide(L)' CGLKGPLYFPPADKNAPPPTKPVETQTQSTVPDKNDRATGDGPSQVNYLEHHHHHHHHHH C
#
# COMPACT_ATOMS: atom_id res chain seq x y z
N ALA A 1 17.47 22.39 -1.89
CA ALA A 1 17.09 21.91 -0.58
C ALA A 1 15.62 21.56 -0.53
N ASP A 2 15.24 20.72 0.44
CA ASP A 2 13.84 20.39 0.63
C ASP A 2 13.10 21.55 1.29
N LEU A 3 11.77 21.47 1.28
CA LEU A 3 10.96 22.54 1.82
C LEU A 3 11.11 22.63 3.34
N ALA A 4 11.41 21.50 3.99
CA ALA A 4 11.53 21.49 5.45
C ALA A 4 12.67 22.39 5.90
N SER A 5 13.81 22.32 5.21
CA SER A 5 14.94 23.17 5.57
C SER A 5 14.66 24.63 5.19
N GLN A 6 13.89 24.84 4.12
CA GLN A 6 13.55 26.20 3.73
C GLN A 6 12.67 26.88 4.76
N CYS A 7 11.71 26.15 5.33
CA CYS A 7 10.78 26.76 6.28
C CYS A 7 11.43 26.98 7.64
N MET A 8 12.30 26.07 8.06
CA MET A 8 12.93 26.20 9.37
C MET A 8 13.87 27.40 9.45
N LEU A 9 14.34 27.90 8.30
CA LEU A 9 15.21 29.07 8.30
C LEU A 9 14.49 30.31 8.84
N GLY A 10 13.23 30.49 8.47
CA GLY A 10 12.43 31.59 8.97
C GLY A 10 11.86 31.40 10.36
N VAL A 11 11.94 30.19 10.90
CA VAL A 11 11.45 29.88 12.25
C VAL A 11 12.59 30.11 13.23
N PRO A 12 12.39 30.89 14.28
CA PRO A 12 13.46 31.11 15.27
C PRO A 12 13.87 29.81 15.94
N SER A 13 15.16 29.71 16.26
CA SER A 13 15.71 28.53 16.89
C SER A 13 16.17 28.85 18.30
N TYR A 14 15.94 27.91 19.21
CA TYR A 14 16.27 28.08 20.63
C TYR A 14 17.69 27.59 20.86
N ASP A 15 18.67 28.48 20.70
CA ASP A 15 20.07 28.16 20.89
C ASP A 15 20.47 28.09 22.37
N ARG A 16 19.72 28.73 23.26
CA ARG A 16 20.07 28.74 24.68
C ARG A 16 19.92 27.35 25.29
N PRO A 17 20.69 27.04 26.32
CA PRO A 17 20.52 25.75 27.01
C PRO A 17 19.13 25.65 27.62
N LEU A 18 18.56 24.45 27.56
CA LEU A 18 17.22 24.22 28.06
C LEU A 18 17.30 23.79 29.51
N VAL A 19 16.62 24.53 30.39
CA VAL A 19 16.59 24.19 31.81
C VAL A 19 15.32 23.41 32.10
N GLN A 20 15.48 22.17 32.55
CA GLN A 20 14.35 21.32 32.89
C GLN A 20 13.96 21.52 34.34
N GLY A 21 12.74 21.12 34.67
CA GLY A 21 12.21 21.29 36.01
C GLY A 21 11.59 22.66 36.20
N ASP A 22 11.14 22.89 37.44
CA ASP A 22 10.49 24.14 37.79
C ASP A 22 11.50 25.29 37.75
N THR A 23 11.11 26.38 37.09
CA THR A 23 11.94 27.58 37.05
C THR A 23 11.57 28.59 38.13
N ASN A 24 10.58 28.28 38.96
CA ASN A 24 10.19 29.20 40.03
C ASN A 24 11.32 29.37 41.05
N ASP A 25 12.01 28.29 41.38
CA ASP A 25 13.04 28.32 42.40
C ASP A 25 14.40 28.72 41.88
N LEU A 26 14.56 28.90 40.56
CA LEU A 26 15.84 29.26 39.99
C LEU A 26 16.22 30.68 40.36
N PRO A 27 17.53 30.96 40.48
CA PRO A 27 17.96 32.31 40.84
C PRO A 27 17.63 33.33 39.75
N VAL A 28 17.49 34.58 40.16
CA VAL A 28 17.19 35.67 39.24
C VAL A 28 18.46 36.48 39.02
N THR A 29 18.88 36.60 37.77
CA THR A 29 20.08 37.35 37.39
C THR A 29 19.66 38.56 36.57
N ILE A 30 20.01 39.75 37.05
CA ILE A 30 19.64 41.01 36.42
C ILE A 30 20.91 41.78 36.09
N ASN A 31 21.02 42.24 34.84
CA ASN A 31 22.18 42.99 34.37
C ASN A 31 21.72 44.30 33.77
N ALA A 32 21.90 45.40 34.51
CA ALA A 32 21.48 46.72 34.05
C ALA A 32 22.61 47.71 34.31
N ASP A 33 22.63 48.76 33.49
CA ASP A 33 23.69 49.75 33.61
C ASP A 33 23.56 50.56 34.90
N HIS A 34 22.33 50.80 35.35
CA HIS A 34 22.09 51.57 36.56
C HIS A 34 21.04 50.86 37.41
N ALA A 35 21.16 51.03 38.73
CA ALA A 35 20.25 50.42 39.69
C ALA A 35 19.98 51.39 40.83
N LYS A 36 18.73 51.85 40.93
CA LYS A 36 18.34 52.80 41.97
C LYS A 36 17.03 52.34 42.59
N GLY A 37 16.93 52.48 43.91
CA GLY A 37 15.74 52.10 44.64
C GLY A 37 16.10 51.59 46.01
N ASP A 38 15.13 50.95 46.66
CA ASP A 38 15.29 50.38 47.99
C ASP A 38 15.07 48.87 47.90
N TYR A 39 16.16 48.14 47.62
CA TYR A 39 16.10 46.69 47.51
C TYR A 39 15.77 46.08 48.87
N PRO A 40 14.92 45.05 48.92
CA PRO A 40 14.19 44.42 47.82
C PRO A 40 12.79 44.99 47.63
N ASP A 41 12.44 46.07 48.34
CA ASP A 41 11.08 46.60 48.26
C ASP A 41 10.79 47.18 46.88
N ASP A 42 11.67 48.04 46.38
CA ASP A 42 11.49 48.67 45.07
C ASP A 42 12.86 48.83 44.42
N ALA A 43 13.04 48.18 43.26
CA ALA A 43 14.26 48.28 42.50
C ALA A 43 13.93 48.70 41.07
N VAL A 44 14.59 49.76 40.60
CA VAL A 44 14.38 50.28 39.26
C VAL A 44 15.68 50.13 38.48
N PHE A 45 15.61 49.41 37.37
CA PHE A 45 16.77 49.15 36.52
C PHE A 45 16.58 49.83 35.17
N THR A 46 17.58 50.61 34.76
CA THR A 46 17.51 51.35 33.52
C THR A 46 18.82 51.18 32.75
N GLY A 47 18.69 50.97 31.44
CA GLY A 47 19.86 50.90 30.57
C GLY A 47 20.29 49.49 30.23
N SER A 48 19.84 49.00 29.07
CA SER A 48 20.24 47.69 28.55
C SER A 48 19.99 46.58 29.57
N VAL A 49 18.80 46.61 30.16
CA VAL A 49 18.47 45.67 31.23
C VAL A 49 18.27 44.28 30.62
N ASP A 50 18.95 43.29 31.20
CA ASP A 50 18.84 41.89 30.79
C ASP A 50 18.48 41.07 32.03
N ILE A 51 17.47 40.22 31.90
CA ILE A 51 16.96 39.43 33.01
C ILE A 51 17.12 37.95 32.66
N MET A 52 17.71 37.19 33.57
CA MET A 52 17.88 35.75 33.42
C MET A 52 17.14 35.04 34.53
N GLN A 53 16.36 34.02 34.18
CA GLN A 53 15.67 33.17 35.15
C GLN A 53 15.34 31.86 34.46
N GLY A 54 16.36 31.06 34.19
CA GLY A 54 16.15 29.80 33.50
C GLY A 54 16.00 30.03 32.01
N ASN A 55 15.10 29.29 31.39
CA ASN A 55 14.82 29.42 29.96
C ASN A 55 14.29 30.80 29.58
N SER A 56 13.57 31.46 30.48
CA SER A 56 12.93 32.72 30.17
C SER A 56 13.96 33.85 30.09
N ARG A 57 13.75 34.79 29.17
CA ARG A 57 14.58 35.97 29.03
C ARG A 57 13.67 37.17 28.84
N LEU A 58 14.06 38.32 29.40
CA LEU A 58 13.25 39.53 29.37
C LEU A 58 14.17 40.73 29.32
N GLN A 59 14.09 41.50 28.23
CA GLN A 59 14.94 42.66 28.02
C GLN A 59 14.08 43.89 27.76
N ALA A 60 14.39 44.97 28.47
CA ALA A 60 13.67 46.23 28.30
C ALA A 60 14.61 47.38 28.65
N ASP A 61 14.28 48.56 28.14
CA ASP A 61 15.07 49.76 28.45
C ASP A 61 15.02 50.09 29.93
N GLU A 62 13.83 50.04 30.53
CA GLU A 62 13.65 50.30 31.95
C GLU A 62 12.81 49.20 32.56
N VAL A 63 13.28 48.64 33.67
CA VAL A 63 12.59 47.58 34.39
C VAL A 63 12.40 48.00 35.83
N GLN A 64 11.18 47.88 36.33
CA GLN A 64 10.85 48.18 37.72
C GLN A 64 10.50 46.88 38.42
N LEU A 65 11.10 46.66 39.59
CA LEU A 65 10.79 45.49 40.41
C LEU A 65 10.10 45.92 41.68
N HIS A 66 8.91 45.38 41.93
CA HIS A 66 8.10 45.74 43.09
C HIS A 66 7.77 44.47 43.86
N GLN A 67 8.11 44.47 45.16
CA GLN A 67 7.79 43.36 46.04
C GLN A 67 6.89 43.87 47.17
N LYS A 68 5.73 43.23 47.32
CA LYS A 68 4.79 43.55 48.38
C LYS A 68 4.58 42.33 49.26
N GLU A 69 4.65 42.53 50.57
CA GLU A 69 4.42 41.45 51.53
C GLU A 69 2.91 41.27 51.72
N ALA A 70 2.32 40.37 50.96
CA ALA A 70 0.88 40.11 51.10
C ALA A 70 0.60 39.44 52.44
N PRO A 71 -0.24 40.04 53.29
CA PRO A 71 -0.54 39.42 54.59
C PRO A 71 -1.14 38.04 54.42
N GLY A 72 -0.67 37.10 55.24
CA GLY A 72 -1.08 35.71 55.14
C GLY A 72 -0.35 34.90 54.08
N GLN A 73 0.57 35.52 53.33
CA GLN A 73 1.32 34.84 52.29
C GLN A 73 2.77 34.71 52.71
N PRO A 74 3.30 33.50 52.90
CA PRO A 74 4.72 33.34 53.25
C PRO A 74 5.67 33.92 52.21
N GLU A 75 5.34 33.83 50.92
CA GLU A 75 6.23 34.46 49.96
C GLU A 75 5.66 35.79 49.49
N PRO A 76 6.45 36.86 49.57
CA PRO A 76 5.98 38.16 49.10
C PRO A 76 5.74 38.17 47.61
N VAL A 77 4.79 39.01 47.19
CA VAL A 77 4.40 39.11 45.79
C VAL A 77 5.48 39.89 45.05
N ARG A 78 6.17 39.23 44.13
CA ARG A 78 7.22 39.85 43.32
C ARG A 78 6.65 40.15 41.94
N THR A 79 6.56 41.44 41.60
CA THR A 79 6.04 41.89 40.33
C THR A 79 7.12 42.62 39.55
N VAL A 80 7.19 42.33 38.26
CA VAL A 80 8.17 42.93 37.36
C VAL A 80 7.43 43.71 36.29
N ASP A 81 7.78 44.98 36.13
CA ASP A 81 7.21 45.83 35.10
C ASP A 81 8.33 46.30 34.17
N ALA A 82 8.09 46.18 32.87
CA ALA A 82 9.07 46.52 31.85
C ALA A 82 8.54 47.67 31.01
N LEU A 83 9.39 48.66 30.75
CA LEU A 83 9.03 49.83 29.96
C LEU A 83 10.06 50.04 28.86
N GLY A 84 9.58 50.22 27.64
CA GLY A 84 10.46 50.52 26.53
C GLY A 84 11.19 49.33 25.96
N ASN A 85 10.78 48.88 24.78
CA ASN A 85 11.46 47.83 24.03
C ASN A 85 11.50 46.52 24.83
N VAL A 86 10.31 46.00 25.13
CA VAL A 86 10.21 44.76 25.89
C VAL A 86 10.31 43.58 24.93
N HIS A 87 11.23 42.67 25.20
CA HIS A 87 11.45 41.50 24.35
C HIS A 87 11.52 40.26 25.25
N TYR A 88 10.39 39.58 25.40
CA TYR A 88 10.33 38.35 26.18
C TYR A 88 10.66 37.16 25.28
N ASP A 89 11.68 36.40 25.67
CA ASP A 89 12.13 35.25 24.89
C ASP A 89 12.30 34.07 25.84
N ASP A 90 11.76 32.91 25.45
CA ASP A 90 11.95 31.70 26.23
C ASP A 90 12.19 30.51 25.29
N ASN A 91 11.76 29.32 25.71
CA ASN A 91 11.85 28.14 24.87
C ASN A 91 10.54 27.80 24.18
N GLN A 92 9.54 28.65 24.27
CA GLN A 92 8.22 28.31 23.75
C GLN A 92 7.62 29.43 22.90
N VAL A 93 7.85 30.69 23.25
CA VAL A 93 7.27 31.80 22.52
C VAL A 93 8.15 33.03 22.72
N ILE A 94 8.18 33.89 21.70
CA ILE A 94 8.89 35.16 21.74
C ILE A 94 7.87 36.28 21.77
N LEU A 95 7.95 37.15 22.78
CA LEU A 95 6.99 38.23 22.95
C LEU A 95 7.72 39.57 22.83
N LYS A 96 7.17 40.46 21.99
CA LYS A 96 7.72 41.79 21.79
C LYS A 96 6.63 42.83 22.05
N GLY A 97 7.04 44.01 22.47
CA GLY A 97 6.13 45.10 22.74
C GLY A 97 6.81 46.23 23.47
N PRO A 98 6.12 47.37 23.56
CA PRO A 98 6.71 48.51 24.30
C PRO A 98 6.58 48.39 25.80
N LYS A 99 5.50 47.80 26.30
CA LYS A 99 5.24 47.72 27.73
C LYS A 99 4.96 46.27 28.11
N GLY A 100 5.43 45.88 29.29
CA GLY A 100 5.22 44.53 29.78
C GLY A 100 5.11 44.50 31.29
N TRP A 101 4.40 43.49 31.78
CA TRP A 101 4.24 43.25 33.21
C TRP A 101 4.42 41.77 33.48
N ALA A 102 5.02 41.45 34.63
CA ALA A 102 5.31 40.07 34.96
C ALA A 102 4.99 39.79 36.42
N ASN A 103 4.45 38.59 36.67
CA ASN A 103 4.23 38.08 38.02
C ASN A 103 5.09 36.84 38.19
N LEU A 104 6.18 36.97 38.94
CA LEU A 104 7.15 35.88 39.05
C LEU A 104 6.59 34.68 39.81
N ASN A 105 5.75 34.90 40.82
CA ASN A 105 5.22 33.78 41.60
C ASN A 105 4.33 32.87 40.76
N THR A 106 3.49 33.44 39.90
CA THR A 106 2.58 32.66 39.07
C THR A 106 2.95 32.65 37.60
N LYS A 107 4.12 33.18 37.23
CA LYS A 107 4.61 33.18 35.86
C LYS A 107 3.69 33.93 34.90
N ASP A 108 2.85 34.82 35.43
CA ASP A 108 1.91 35.56 34.59
C ASP A 108 2.63 36.76 33.97
N THR A 109 2.51 36.90 32.65
CA THR A 109 3.14 38.00 31.92
C THR A 109 2.13 38.64 30.97
N ASN A 110 2.10 39.97 30.98
CA ASN A 110 1.21 40.74 30.12
C ASN A 110 2.04 41.68 29.25
N VAL A 111 1.68 41.77 27.98
CA VAL A 111 2.34 42.66 27.03
C VAL A 111 1.26 43.44 26.28
N TRP A 112 1.46 44.74 26.15
CA TRP A 112 0.50 45.61 25.47
C TRP A 112 0.98 45.99 24.08
N GLU A 113 0.10 45.80 23.10
CA GLU A 113 0.32 46.22 21.72
C GLU A 113 1.65 45.69 21.19
N GLY A 114 1.67 44.40 20.86
CA GLY A 114 2.88 43.73 20.42
C GLY A 114 2.60 42.59 19.45
N ASP A 115 3.68 41.91 19.07
CA ASP A 115 3.63 40.79 18.16
C ASP A 115 4.39 39.60 18.76
N TYR A 116 3.99 38.40 18.37
CA TYR A 116 4.51 37.17 18.95
C TYR A 116 4.99 36.23 17.86
N GLN A 117 5.65 35.15 18.28
CA GLN A 117 6.20 34.14 17.38
C GLN A 117 6.80 33.02 18.22
N MET A 118 6.14 31.86 18.22
CA MET A 118 6.62 30.73 19.00
C MET A 118 7.85 30.09 18.35
N VAL A 119 8.65 29.43 19.18
CA VAL A 119 9.96 28.91 18.79
C VAL A 119 9.83 27.42 18.49
N GLY A 120 10.57 26.97 17.47
CA GLY A 120 10.56 25.58 17.09
C GLY A 120 9.48 25.17 16.11
N ARG A 121 8.59 26.08 15.74
CA ARG A 121 7.48 25.76 14.85
C ARG A 121 7.03 27.03 14.16
N GLN A 122 6.20 26.86 13.14
CA GLN A 122 5.67 28.00 12.40
C GLN A 122 4.62 28.74 13.23
N GLY A 123 4.26 29.93 12.77
CA GLY A 123 3.21 30.68 13.40
C GLY A 123 3.65 32.02 13.96
N ARG A 124 2.76 33.01 13.90
CA ARG A 124 3.07 34.36 14.37
C ARG A 124 1.77 35.15 14.47
N GLY A 125 1.91 36.47 14.50
CA GLY A 125 0.73 37.32 14.58
C GLY A 125 1.01 38.56 15.41
N LYS A 126 -0.06 39.23 15.82
CA LYS A 126 0.04 40.42 16.63
C LYS A 126 -1.27 40.63 17.39
N ALA A 127 -1.15 41.08 18.63
CA ALA A 127 -2.32 41.27 19.48
C ALA A 127 -2.17 42.59 20.24
N ASP A 128 -3.33 43.20 20.53
CA ASP A 128 -3.33 44.42 21.34
C ASP A 128 -2.86 44.14 22.76
N LEU A 129 -3.30 43.04 23.35
CA LEU A 129 -2.90 42.67 24.70
C LEU A 129 -2.57 41.19 24.73
N MET A 130 -1.34 40.86 25.10
CA MET A 130 -0.85 39.48 25.10
C MET A 130 -0.61 39.03 26.52
N LYS A 131 -1.20 37.89 26.90
CA LYS A 131 -1.16 37.41 28.27
C LYS A 131 -0.78 35.94 28.30
N GLN A 132 0.06 35.58 29.26
CA GLN A 132 0.41 34.20 29.53
C GLN A 132 -0.07 33.81 30.91
N ARG A 133 -0.74 32.65 30.99
CA ARG A 133 -1.34 32.21 32.24
C ARG A 133 -1.05 30.73 32.46
N GLY A 134 -1.15 30.31 33.72
CA GLY A 134 -1.04 28.91 34.06
C GLY A 134 0.28 28.27 33.67
N GLU A 135 1.39 28.96 33.97
CA GLU A 135 2.73 28.45 33.68
C GLU A 135 2.90 28.21 32.18
N ASN A 136 2.68 29.26 31.39
CA ASN A 136 2.85 29.28 29.94
C ASN A 136 1.88 28.35 29.21
N ARG A 137 0.89 27.79 29.91
CA ARG A 137 -0.04 26.88 29.25
C ARG A 137 -0.99 27.64 28.34
N TYR A 138 -1.53 28.75 28.80
CA TYR A 138 -2.53 29.51 28.06
C TYR A 138 -1.90 30.79 27.53
N THR A 139 -1.93 30.96 26.20
CA THR A 139 -1.47 32.16 25.54
C THR A 139 -2.69 32.92 25.04
N ILE A 140 -3.28 33.74 25.91
CA ILE A 140 -4.51 34.47 25.61
C ILE A 140 -4.13 35.76 24.89
N LEU A 141 -4.80 36.03 23.78
CA LEU A 141 -4.56 37.21 22.98
C LEU A 141 -5.88 37.95 22.78
N ASP A 142 -5.87 39.27 23.01
CA ASP A 142 -7.05 40.09 22.81
C ASP A 142 -6.88 40.94 21.56
N ASN A 143 -7.88 40.91 20.69
CA ASN A 143 -7.82 41.58 19.38
C ASN A 143 -6.58 41.13 18.62
N GLY A 144 -6.30 39.83 18.69
CA GLY A 144 -5.09 39.30 18.10
C GLY A 144 -5.31 38.70 16.73
N SER A 145 -4.21 38.35 16.09
CA SER A 145 -4.22 37.68 14.80
C SER A 145 -3.25 36.51 14.83
N PHE A 146 -3.60 35.47 14.08
CA PHE A 146 -2.77 34.27 14.04
C PHE A 146 -2.71 33.75 12.61
N THR A 147 -1.49 33.40 12.20
CA THR A 147 -1.25 32.79 10.90
C THR A 147 -0.05 31.88 11.01
N SER A 148 -0.01 30.84 10.18
CA SER A 148 1.09 29.89 10.22
C SER A 148 2.17 30.17 9.19
N CYS A 149 2.02 31.21 8.37
CA CYS A 149 3.03 31.52 7.38
C CYS A 149 4.25 32.16 8.05
N LEU A 150 5.39 32.07 7.36
CA LEU A 150 6.62 32.64 7.89
C LEU A 150 6.59 34.17 7.73
N PRO A 151 7.38 34.87 8.55
CA PRO A 151 7.37 36.34 8.48
C PRO A 151 7.75 36.84 7.10
N GLY A 152 7.10 37.93 6.69
CA GLY A 152 7.29 38.49 5.37
C GLY A 152 6.37 37.94 4.30
N SER A 153 5.56 36.95 4.62
CA SER A 153 4.59 36.39 3.69
C SER A 153 3.19 36.55 4.26
N ASP A 154 2.26 37.02 3.45
CA ASP A 154 0.91 37.30 3.91
C ASP A 154 -0.13 36.55 3.09
N THR A 155 0.04 35.24 2.98
CA THR A 155 -0.92 34.43 2.21
C THR A 155 -2.29 34.41 2.87
N TRP A 156 -2.33 34.09 4.16
CA TRP A 156 -3.59 33.93 4.87
C TRP A 156 -3.38 34.29 6.33
N SER A 157 -4.47 34.66 7.00
CA SER A 157 -4.39 35.04 8.39
C SER A 157 -5.77 34.94 9.03
N VAL A 158 -5.77 34.83 10.35
CA VAL A 158 -6.98 34.79 11.15
C VAL A 158 -6.94 35.93 12.16
N VAL A 159 -8.03 36.67 12.27
CA VAL A 159 -8.15 37.76 13.23
C VAL A 159 -9.37 37.48 14.11
N GLY A 160 -9.17 37.52 15.42
CA GLY A 160 -10.24 37.24 16.35
C GLY A 160 -10.12 38.10 17.59
N SER A 161 -11.28 38.34 18.22
CA SER A 161 -11.31 39.15 19.42
C SER A 161 -10.54 38.50 20.56
N GLU A 162 -10.73 37.20 20.77
CA GLU A 162 -10.08 36.50 21.86
C GLU A 162 -9.49 35.20 21.34
N ILE A 163 -8.17 35.12 21.26
CA ILE A 163 -7.45 33.94 20.80
C ILE A 163 -6.84 33.27 22.02
N ILE A 164 -7.31 32.06 22.33
CA ILE A 164 -6.79 31.27 23.43
C ILE A 164 -6.01 30.13 22.82
N HIS A 165 -4.75 29.99 23.23
CA HIS A 165 -3.84 29.00 22.65
C HIS A 165 -3.39 28.07 23.77
N ASP A 166 -4.15 27.01 24.00
CA ASP A 166 -3.82 26.03 25.02
C ASP A 166 -2.71 25.12 24.48
N ARG A 167 -1.49 25.30 25.01
CA ARG A 167 -0.39 24.46 24.59
C ARG A 167 -0.63 22.99 24.93
N GLU A 168 -1.17 22.72 26.12
CA GLU A 168 -1.44 21.34 26.49
C GLU A 168 -2.51 20.71 25.59
N GLU A 169 -3.57 21.46 25.30
CA GLU A 169 -4.61 20.94 24.42
C GLU A 169 -4.24 21.06 22.95
N GLN A 170 -3.17 21.77 22.63
CA GLN A 170 -2.70 21.92 21.25
C GLN A 170 -3.80 22.48 20.36
N VAL A 171 -4.67 23.29 20.95
CA VAL A 171 -5.78 23.92 20.26
C VAL A 171 -5.59 25.43 20.35
N ALA A 172 -6.13 26.14 19.37
CA ALA A 172 -6.04 27.59 19.31
C ALA A 172 -7.45 28.15 19.14
N GLU A 173 -8.24 28.09 20.19
CA GLU A 173 -9.59 28.65 20.18
C GLU A 173 -9.54 30.12 19.81
N ILE A 174 -10.38 30.52 18.87
CA ILE A 174 -10.42 31.90 18.40
C ILE A 174 -11.86 32.39 18.50
N TRP A 175 -12.06 33.54 19.12
CA TRP A 175 -13.39 34.12 19.29
C TRP A 175 -13.58 35.28 18.33
N ASN A 176 -14.76 35.32 17.69
CA ASN A 176 -15.06 36.27 16.63
C ASN A 176 -13.99 36.19 15.54
N ALA A 177 -13.63 34.96 15.19
CA ALA A 177 -12.60 34.74 14.18
C ALA A 177 -13.09 35.17 12.81
N ARG A 178 -12.25 35.94 12.11
CA ARG A 178 -12.52 36.38 10.75
C ARG A 178 -11.35 35.92 9.89
N PHE A 179 -11.50 34.74 9.27
CA PHE A 179 -10.43 34.19 8.46
C PHE A 179 -10.17 35.10 7.27
N LYS A 180 -8.91 35.46 7.05
CA LYS A 180 -8.52 36.41 6.02
C LYS A 180 -7.52 35.78 5.06
N VAL A 181 -7.74 36.02 3.78
CA VAL A 181 -6.75 35.73 2.75
C VAL A 181 -6.07 37.05 2.40
N GLY A 182 -4.81 37.19 2.78
CA GLY A 182 -4.13 38.46 2.69
C GLY A 182 -4.85 39.52 3.50
N PRO A 183 -5.10 40.68 2.89
CA PRO A 183 -5.86 41.72 3.59
C PRO A 183 -7.37 41.59 3.45
N VAL A 184 -7.86 40.57 2.76
CA VAL A 184 -9.27 40.42 2.46
C VAL A 184 -9.84 39.31 3.34
N PRO A 185 -10.70 39.61 4.31
CA PRO A 185 -11.39 38.54 5.05
C PRO A 185 -12.48 37.92 4.20
N ILE A 186 -12.74 36.63 4.43
CA ILE A 186 -13.75 35.91 3.68
C ILE A 186 -14.70 35.13 4.57
N PHE A 187 -14.22 34.50 5.65
CA PHE A 187 -15.07 33.70 6.50
C PHE A 187 -15.10 34.28 7.91
N TYR A 188 -16.31 34.56 8.40
CA TYR A 188 -16.51 35.08 9.74
C TYR A 188 -17.30 34.07 10.55
N SER A 189 -16.81 33.76 11.75
CA SER A 189 -17.49 32.87 12.67
C SER A 189 -17.45 33.48 14.06
N PRO A 190 -18.52 33.33 14.85
CA PRO A 190 -18.44 33.76 16.26
C PRO A 190 -17.38 33.04 17.05
N TYR A 191 -17.15 31.75 16.75
CA TYR A 191 -16.20 30.95 17.50
C TYR A 191 -15.57 29.95 16.56
N LEU A 192 -14.27 29.74 16.70
CA LEU A 192 -13.50 28.88 15.81
C LEU A 192 -12.40 28.21 16.60
N GLN A 193 -12.12 26.95 16.29
CA GLN A 193 -11.04 26.22 16.92
C GLN A 193 -10.08 25.71 15.85
N LEU A 194 -8.80 25.75 16.16
CA LEU A 194 -7.78 25.24 15.26
C LEU A 194 -6.94 24.20 15.98
N PRO A 195 -6.89 22.96 15.51
CA PRO A 195 -5.95 21.99 16.08
C PRO A 195 -4.54 22.36 15.71
N VAL A 196 -3.83 23.00 16.64
CA VAL A 196 -2.45 23.41 16.40
C VAL A 196 -1.52 22.44 17.10
N GLY A 197 -1.54 21.19 16.67
CA GLY A 197 -0.67 20.19 17.24
C GLY A 197 -0.75 18.91 16.45
N ASP A 198 -0.67 17.79 17.17
CA ASP A 198 -0.81 16.47 16.58
C ASP A 198 -1.84 15.61 17.30
N LYS A 199 -2.44 16.12 18.38
CA LYS A 199 -3.46 15.36 19.09
C LYS A 199 -4.72 15.25 18.25
N ARG A 200 -5.32 14.06 18.22
CA ARG A 200 -6.50 13.84 17.41
C ARG A 200 -7.70 14.55 18.01
N ARG A 201 -8.44 15.29 17.18
CA ARG A 201 -9.53 16.13 17.66
C ARG A 201 -10.65 16.15 16.64
N SER A 202 -11.89 16.13 17.12
CA SER A 202 -13.04 16.18 16.24
C SER A 202 -13.16 17.55 15.60
N GLY A 203 -14.18 17.70 14.75
CA GLY A 203 -14.36 18.95 14.04
C GLY A 203 -14.11 18.80 12.56
N PHE A 204 -14.63 19.72 11.76
CA PHE A 204 -14.63 19.55 10.31
C PHE A 204 -13.21 19.50 9.77
N LEU A 205 -12.99 18.64 8.78
CA LEU A 205 -11.73 18.64 8.06
C LEU A 205 -11.78 19.69 6.96
N ILE A 206 -10.65 19.86 6.29
CA ILE A 206 -10.55 20.92 5.28
C ILE A 206 -11.22 20.45 3.99
N PRO A 207 -12.22 21.15 3.49
CA PRO A 207 -12.97 20.67 2.32
C PRO A 207 -12.14 20.63 1.06
N ASN A 208 -12.51 19.74 0.16
CA ASN A 208 -11.91 19.63 -1.16
C ASN A 208 -13.01 19.38 -2.19
N ALA A 209 -12.96 20.15 -3.28
CA ALA A 209 -14.01 20.04 -4.29
C ALA A 209 -13.40 19.46 -5.56
N LYS A 210 -14.26 19.00 -6.45
CA LYS A 210 -13.80 18.54 -7.76
C LYS A 210 -14.92 18.62 -8.77
N TYR A 211 -14.55 18.92 -10.01
CA TYR A 211 -15.48 19.04 -11.12
C TYR A 211 -15.26 17.88 -12.07
N THR A 212 -16.29 17.11 -12.36
CA THR A 212 -16.15 15.99 -13.27
C THR A 212 -16.96 16.23 -14.52
N THR A 213 -17.35 15.13 -15.16
CA THR A 213 -18.28 15.23 -16.28
C THR A 213 -19.44 14.26 -16.10
N THR A 214 -19.40 13.46 -15.03
CA THR A 214 -20.53 12.59 -14.72
C THR A 214 -21.47 13.26 -13.73
N ASN A 215 -20.97 14.19 -12.93
CA ASN A 215 -21.74 14.81 -11.87
C ASN A 215 -21.64 16.33 -11.84
N TYR A 216 -20.82 16.93 -12.68
CA TYR A 216 -20.55 18.38 -12.66
C TYR A 216 -19.96 18.70 -11.29
N PHE A 217 -20.03 19.94 -10.82
CA PHE A 217 -19.32 20.36 -9.62
C PHE A 217 -19.67 19.47 -8.43
N GLU A 218 -18.66 19.13 -7.63
CA GLU A 218 -18.82 18.30 -6.45
C GLU A 218 -18.10 18.97 -5.28
N PHE A 219 -18.41 18.53 -4.06
CA PHE A 219 -17.86 19.18 -2.88
C PHE A 219 -17.89 18.24 -1.69
N TYR A 220 -16.75 18.09 -1.03
CA TYR A 220 -16.61 17.24 0.14
C TYR A 220 -16.37 18.12 1.36
N LEU A 221 -17.17 17.94 2.41
CA LEU A 221 -17.04 18.69 3.65
C LEU A 221 -16.97 17.71 4.81
N PRO A 222 -15.88 16.99 4.95
CA PRO A 222 -15.81 15.93 5.96
C PRO A 222 -15.94 16.49 7.36
N TYR A 223 -16.59 15.73 8.23
CA TYR A 223 -16.61 16.02 9.65
C TYR A 223 -15.98 14.84 10.36
N TYR A 224 -14.72 14.97 10.71
CA TYR A 224 -14.04 13.93 11.47
C TYR A 224 -14.71 13.84 12.82
N TRP A 225 -14.71 12.66 13.42
CA TRP A 225 -15.39 12.45 14.70
C TRP A 225 -14.52 11.54 15.57
N ASN A 226 -13.60 12.14 16.31
CA ASN A 226 -12.64 11.38 17.09
C ASN A 226 -13.38 10.68 18.22
N ILE A 227 -13.81 9.44 17.97
CA ILE A 227 -14.60 8.70 18.95
C ILE A 227 -13.76 8.36 20.18
N ALA A 228 -12.56 7.85 19.96
CA ALA A 228 -11.76 7.26 21.02
C ALA A 228 -10.35 7.08 20.50
N PRO A 229 -9.41 6.71 21.36
CA PRO A 229 -8.04 6.51 20.86
C PRO A 229 -7.93 5.47 19.76
N ASN A 230 -8.78 4.45 19.76
CA ASN A 230 -8.66 3.38 18.78
C ASN A 230 -9.82 3.30 17.81
N MET A 231 -10.69 4.30 17.78
CA MET A 231 -11.80 4.33 16.81
C MET A 231 -12.07 5.77 16.41
N ASP A 232 -12.17 6.02 15.11
CA ASP A 232 -12.62 7.33 14.67
C ASP A 232 -13.78 7.14 13.70
N ALA A 233 -14.17 8.24 13.05
CA ALA A 233 -15.28 8.21 12.12
C ALA A 233 -15.33 9.52 11.36
N THR A 234 -15.36 9.42 10.03
CA THR A 234 -15.49 10.56 9.15
C THR A 234 -16.88 10.50 8.54
N ILE A 235 -17.55 11.63 8.43
CA ILE A 235 -18.89 11.70 7.86
C ILE A 235 -18.93 12.80 6.83
N THR A 236 -18.58 12.47 5.59
CA THR A 236 -18.45 13.45 4.52
C THR A 236 -19.75 13.58 3.73
N PRO A 237 -20.44 14.71 3.81
CA PRO A 237 -21.54 14.95 2.87
C PRO A 237 -20.99 15.35 1.51
N HIS A 238 -21.24 14.52 0.52
CA HIS A 238 -20.70 14.69 -0.82
C HIS A 238 -21.83 15.22 -1.70
N TYR A 239 -21.59 16.37 -2.33
CA TYR A 239 -22.62 17.02 -3.12
C TYR A 239 -22.35 16.82 -4.60
N MET A 240 -23.39 16.59 -5.38
CA MET A 240 -23.28 16.38 -6.82
C MET A 240 -24.26 17.30 -7.51
N HIS A 241 -23.74 18.31 -8.21
CA HIS A 241 -24.61 19.35 -8.74
C HIS A 241 -25.57 18.79 -9.78
N ARG A 242 -25.10 17.85 -10.59
CA ARG A 242 -25.98 17.29 -11.62
C ARG A 242 -27.06 16.41 -11.01
N ARG A 243 -26.68 15.50 -10.12
CA ARG A 243 -27.64 14.58 -9.52
C ARG A 243 -28.56 15.25 -8.51
N GLY A 244 -28.27 16.49 -8.14
CA GLY A 244 -29.17 17.25 -7.29
C GLY A 244 -29.45 16.63 -5.95
N ASN A 245 -28.45 16.03 -5.32
CA ASN A 245 -28.63 15.46 -3.99
C ASN A 245 -27.26 15.27 -3.36
N ILE A 246 -27.24 15.08 -2.05
CA ILE A 246 -26.01 14.88 -1.29
C ILE A 246 -25.88 13.39 -1.03
N MET A 247 -24.70 12.83 -1.23
CA MET A 247 -24.47 11.46 -0.85
C MET A 247 -23.67 11.46 0.45
N TRP A 248 -24.05 10.63 1.40
CA TRP A 248 -23.46 10.65 2.72
C TRP A 248 -22.42 9.54 2.81
N GLU A 249 -21.15 9.93 2.88
CA GLU A 249 -20.07 8.97 2.92
C GLU A 249 -19.55 8.84 4.34
N ASN A 250 -19.84 7.71 4.97
CA ASN A 250 -19.49 7.48 6.37
C ASN A 250 -18.33 6.50 6.41
N GLU A 251 -17.22 6.89 7.04
CA GLU A 251 -16.13 5.97 7.28
C GLU A 251 -16.09 5.63 8.76
N PHE A 252 -15.37 4.57 9.12
CA PHE A 252 -15.24 4.18 10.51
C PHE A 252 -14.04 3.25 10.66
N ARG A 253 -12.86 3.83 10.85
CA ARG A 253 -11.67 3.06 11.11
C ARG A 253 -11.64 2.66 12.58
N TYR A 254 -11.16 1.46 12.86
CA TYR A 254 -11.05 1.02 14.24
C TYR A 254 -9.72 0.30 14.42
N LEU A 255 -9.46 -0.13 15.65
CA LEU A 255 -8.25 -0.86 15.98
C LEU A 255 -8.53 -1.65 17.25
N SER A 256 -8.40 -2.97 17.15
CA SER A 256 -8.65 -3.85 18.28
C SER A 256 -7.56 -4.90 18.32
N GLN A 257 -7.66 -5.81 19.29
CA GLN A 257 -6.73 -6.91 19.36
C GLN A 257 -6.90 -7.85 18.18
N ALA A 258 -8.10 -7.88 17.58
CA ALA A 258 -8.36 -8.75 16.44
C ALA A 258 -7.85 -8.18 15.12
N GLY A 259 -7.36 -6.95 15.11
CA GLY A 259 -6.86 -6.34 13.90
C GLY A 259 -7.34 -4.92 13.70
N ALA A 260 -6.97 -4.32 12.58
CA ALA A 260 -7.31 -2.94 12.29
C ALA A 260 -8.09 -2.83 11.00
N GLY A 261 -9.35 -2.43 11.14
CA GLY A 261 -10.28 -2.50 10.03
C GLY A 261 -10.58 -1.14 9.44
N LEU A 262 -11.71 -1.08 8.75
CA LEU A 262 -12.18 0.10 8.05
C LEU A 262 -13.52 -0.23 7.43
N MET A 263 -14.56 0.44 7.87
CA MET A 263 -15.89 0.26 7.32
C MET A 263 -16.17 1.42 6.39
N GLU A 264 -17.37 1.47 5.84
CA GLU A 264 -17.77 2.49 4.88
C GLU A 264 -19.18 2.22 4.40
N LEU A 265 -20.00 3.26 4.31
CA LEU A 265 -21.37 3.11 3.86
C LEU A 265 -21.82 4.40 3.20
N ASP A 266 -21.34 4.64 1.99
CA ASP A 266 -21.85 5.74 1.18
C ASP A 266 -23.32 5.51 0.93
N TYR A 267 -24.06 6.54 0.59
CA TYR A 267 -25.51 6.40 0.47
C TYR A 267 -26.09 7.65 -0.17
N LEU A 268 -26.76 7.50 -1.30
CA LEU A 268 -27.44 8.61 -1.95
C LEU A 268 -28.93 8.41 -1.81
N PRO A 269 -29.65 9.28 -1.09
CA PRO A 269 -31.08 9.02 -0.88
C PRO A 269 -31.90 8.93 -2.15
N SER A 270 -31.60 9.74 -3.16
CA SER A 270 -32.33 9.67 -4.41
C SER A 270 -31.44 10.22 -5.51
N ASP A 271 -31.64 9.74 -6.73
CA ASP A 271 -30.79 10.09 -7.86
C ASP A 271 -31.69 10.54 -9.01
N LYS A 272 -31.44 11.75 -9.52
CA LYS A 272 -32.20 12.19 -10.69
C LYS A 272 -31.72 11.50 -11.95
N VAL A 273 -30.39 11.39 -12.11
CA VAL A 273 -29.83 10.78 -13.32
C VAL A 273 -30.25 9.32 -13.41
N TYR A 274 -30.18 8.60 -12.30
CA TYR A 274 -30.56 7.19 -12.32
C TYR A 274 -32.07 7.03 -12.50
N GLU A 275 -32.85 8.00 -12.00
CA GLU A 275 -34.28 7.99 -12.30
C GLU A 275 -34.52 8.12 -13.80
N ASP A 276 -33.79 9.01 -14.46
CA ASP A 276 -33.96 9.16 -15.91
C ASP A 276 -33.53 7.91 -16.66
N GLU A 277 -32.38 7.32 -16.32
CA GLU A 277 -31.89 6.16 -17.06
C GLU A 277 -32.78 4.95 -16.92
N HIS A 278 -33.34 4.71 -15.74
CA HIS A 278 -34.18 3.55 -15.48
C HIS A 278 -35.51 3.98 -14.87
N PRO A 279 -36.43 4.49 -15.70
CA PRO A 279 -37.69 5.04 -15.16
C PRO A 279 -38.59 4.00 -14.51
N ASN A 280 -38.36 2.71 -14.76
CA ASN A 280 -39.25 1.67 -14.28
C ASN A 280 -38.86 1.10 -12.93
N ASP A 281 -37.86 1.67 -12.27
CA ASP A 281 -37.43 1.16 -10.98
C ASP A 281 -38.18 1.86 -9.84
N ASP A 282 -38.50 1.09 -8.80
CA ASP A 282 -39.28 1.60 -7.69
C ASP A 282 -38.55 2.69 -6.91
N SER A 283 -37.28 2.46 -6.56
CA SER A 283 -36.51 3.47 -5.83
C SER A 283 -35.15 3.60 -6.48
N SER A 284 -34.66 4.84 -6.57
CA SER A 284 -33.37 5.12 -7.17
C SER A 284 -32.33 5.54 -6.15
N ARG A 285 -32.03 4.69 -5.17
CA ARG A 285 -30.99 4.99 -4.19
C ARG A 285 -29.72 4.22 -4.53
N ARG A 286 -28.58 4.85 -4.31
CA ARG A 286 -27.29 4.25 -4.62
C ARG A 286 -26.45 4.19 -3.35
N TRP A 287 -26.01 3.00 -2.98
CA TRP A 287 -25.29 2.83 -1.74
C TRP A 287 -24.14 1.84 -1.93
N LEU A 288 -23.06 2.06 -1.19
CA LEU A 288 -21.89 1.20 -1.20
C LEU A 288 -21.61 0.79 0.23
N PHE A 289 -21.14 -0.43 0.43
CA PHE A 289 -20.71 -0.87 1.75
C PHE A 289 -19.36 -1.56 1.58
N TYR A 290 -18.33 -1.01 2.21
CA TYR A 290 -16.99 -1.56 2.10
C TYR A 290 -16.43 -1.81 3.48
N TRP A 291 -16.31 -3.08 3.86
CA TRP A 291 -15.73 -3.47 5.12
C TRP A 291 -14.43 -4.21 4.84
N ASN A 292 -13.34 -3.78 5.46
CA ASN A 292 -12.04 -4.40 5.27
C ASN A 292 -11.32 -4.50 6.59
N HIS A 293 -10.93 -5.72 6.93
CA HIS A 293 -10.35 -6.04 8.22
C HIS A 293 -9.16 -6.95 7.99
N SER A 294 -8.18 -6.91 8.89
CA SER A 294 -6.96 -7.69 8.72
C SER A 294 -6.18 -7.70 10.01
N GLY A 295 -6.13 -8.85 10.67
CA GLY A 295 -5.47 -8.91 11.95
C GLY A 295 -4.94 -10.29 12.21
N VAL A 296 -4.11 -10.37 13.25
CA VAL A 296 -3.59 -11.62 13.79
C VAL A 296 -3.72 -11.53 15.30
N MET A 297 -4.40 -12.50 15.90
CA MET A 297 -4.65 -12.50 17.32
C MET A 297 -3.88 -13.65 17.97
N ASP A 298 -3.06 -13.33 18.97
CA ASP A 298 -2.26 -14.32 19.68
C ASP A 298 -1.29 -15.05 18.76
N GLN A 299 -1.00 -14.45 17.61
CA GLN A 299 -0.12 -15.03 16.59
C GLN A 299 -0.62 -16.37 16.07
N VAL A 300 -1.88 -16.71 16.34
CA VAL A 300 -2.47 -17.95 15.83
C VAL A 300 -3.73 -17.68 15.02
N TRP A 301 -4.63 -16.84 15.51
CA TRP A 301 -5.89 -16.59 14.83
C TRP A 301 -5.73 -15.46 13.83
N ARG A 302 -6.13 -15.70 12.59
CA ARG A 302 -6.04 -14.71 11.53
C ARG A 302 -7.45 -14.40 11.06
N PHE A 303 -7.85 -13.13 11.12
CA PHE A 303 -9.14 -12.70 10.63
C PHE A 303 -8.93 -11.77 9.45
N ASN A 304 -9.57 -12.07 8.34
CA ASN A 304 -9.59 -11.16 7.22
C ASN A 304 -11.02 -10.99 6.77
N VAL A 305 -11.41 -9.76 6.47
CA VAL A 305 -12.69 -9.46 5.88
C VAL A 305 -12.43 -8.53 4.70
N ASP A 306 -13.07 -8.80 3.58
CA ASP A 306 -12.96 -7.96 2.40
C ASP A 306 -14.35 -8.01 1.77
N TYR A 307 -15.10 -6.93 1.92
CA TYR A 307 -16.52 -6.94 1.62
C TYR A 307 -16.87 -5.64 0.92
N THR A 308 -17.39 -5.74 -0.28
CA THR A 308 -17.87 -4.58 -1.03
C THR A 308 -19.19 -4.98 -1.65
N LYS A 309 -20.17 -4.09 -1.59
CA LYS A 309 -21.49 -4.45 -2.07
C LYS A 309 -22.23 -3.23 -2.57
N VAL A 310 -22.12 -2.93 -3.85
CA VAL A 310 -22.78 -1.78 -4.42
C VAL A 310 -24.21 -2.13 -4.73
N SER A 311 -25.04 -1.10 -4.89
CA SER A 311 -26.48 -1.31 -5.07
C SER A 311 -26.79 -1.79 -6.47
N ASP A 312 -26.15 -1.21 -7.48
CA ASP A 312 -26.44 -1.49 -8.88
C ASP A 312 -25.12 -1.65 -9.61
N PRO A 313 -25.11 -2.39 -10.72
CA PRO A 313 -23.86 -2.55 -11.48
C PRO A 313 -23.19 -1.26 -11.88
N SER A 314 -23.94 -0.26 -12.32
CA SER A 314 -23.32 0.98 -12.74
C SER A 314 -23.04 1.94 -11.59
N TYR A 315 -22.62 1.44 -10.43
CA TYR A 315 -22.22 2.34 -9.36
C TYR A 315 -20.86 2.92 -9.65
N PHE A 316 -19.83 2.07 -9.68
CA PHE A 316 -18.46 2.55 -9.83
C PHE A 316 -18.23 3.30 -11.12
N ASN A 317 -18.97 2.97 -12.18
CA ASN A 317 -18.87 3.75 -13.40
C ASN A 317 -19.49 5.14 -13.25
N ASP A 318 -20.20 5.38 -12.16
CA ASP A 318 -20.82 6.67 -11.88
C ASP A 318 -20.09 7.47 -10.82
N PHE A 319 -20.07 6.98 -9.57
CA PHE A 319 -19.36 7.63 -8.48
C PHE A 319 -17.99 7.00 -8.35
N ASP A 320 -16.97 7.82 -8.13
CA ASP A 320 -15.62 7.31 -7.97
C ASP A 320 -15.22 7.33 -6.49
N ASN A 321 -14.79 6.19 -5.99
CA ASN A 321 -14.38 6.05 -4.60
C ASN A 321 -12.94 5.58 -4.55
N LYS A 322 -12.42 5.47 -3.33
CA LYS A 322 -11.13 4.84 -3.12
C LYS A 322 -11.24 3.33 -2.98
N TYR A 323 -12.47 2.81 -2.89
CA TYR A 323 -12.71 1.40 -2.65
C TYR A 323 -13.23 0.68 -3.87
N GLY A 324 -12.88 1.14 -5.07
CA GLY A 324 -13.30 0.52 -6.31
C GLY A 324 -13.12 1.49 -7.44
N SER A 325 -12.85 0.95 -8.62
CA SER A 325 -12.60 1.77 -9.79
C SER A 325 -13.67 1.50 -10.84
N SER A 326 -13.74 2.39 -11.81
CA SER A 326 -14.54 2.11 -13.00
C SER A 326 -14.01 0.92 -13.76
N THR A 327 -12.77 0.52 -13.50
CA THR A 327 -12.16 -0.64 -14.13
C THR A 327 -12.41 -1.92 -13.37
N ASP A 328 -13.63 -2.15 -12.89
CA ASP A 328 -13.89 -3.33 -12.08
C ASP A 328 -15.01 -4.16 -12.68
N GLY A 329 -14.74 -5.43 -12.89
CA GLY A 329 -15.78 -6.30 -13.41
C GLY A 329 -16.73 -6.82 -12.37
N TYR A 330 -16.34 -6.84 -11.10
CA TYR A 330 -17.16 -7.41 -10.05
C TYR A 330 -16.66 -6.91 -8.70
N ALA A 331 -17.53 -6.98 -7.70
CA ALA A 331 -17.19 -6.59 -6.34
C ALA A 331 -17.07 -7.84 -5.48
N THR A 332 -15.96 -7.95 -4.76
CA THR A 332 -15.63 -9.14 -3.99
C THR A 332 -16.22 -9.06 -2.60
N GLN A 333 -16.63 -10.21 -2.06
CA GLN A 333 -17.26 -10.27 -0.74
C GLN A 333 -16.70 -11.47 0.01
N LYS A 334 -15.60 -11.28 0.73
CA LYS A 334 -14.84 -12.38 1.32
C LYS A 334 -14.70 -12.20 2.82
N PHE A 335 -14.96 -13.27 3.57
CA PHE A 335 -14.61 -13.38 4.98
C PHE A 335 -13.69 -14.58 5.15
N SER A 336 -12.86 -14.56 6.18
CA SER A 336 -12.01 -15.72 6.46
C SER A 336 -11.57 -15.72 7.91
N VAL A 337 -11.56 -16.90 8.51
CA VAL A 337 -11.02 -17.10 9.86
C VAL A 337 -9.97 -18.18 9.76
N GLY A 338 -8.78 -17.92 10.27
CA GLY A 338 -7.68 -18.84 10.18
C GLY A 338 -7.14 -19.20 11.55
N TYR A 339 -6.40 -20.31 11.61
CA TYR A 339 -5.71 -20.73 12.82
C TYR A 339 -4.37 -21.32 12.41
N ALA A 340 -3.34 -20.50 12.38
CA ALA A 340 -2.06 -20.95 11.86
C ALA A 340 -1.06 -21.09 12.99
N VAL A 341 -0.58 -22.30 13.22
CA VAL A 341 0.54 -22.53 14.13
C VAL A 341 1.76 -22.79 13.28
N GLN A 342 2.78 -23.43 13.84
CA GLN A 342 4.01 -23.65 13.08
C GLN A 342 3.83 -24.72 12.02
N ASN A 343 3.07 -25.78 12.32
CA ASN A 343 2.97 -26.94 11.45
C ASN A 343 1.55 -27.30 11.06
N PHE A 344 0.63 -26.34 11.04
CA PHE A 344 -0.77 -26.61 10.80
C PHE A 344 -1.48 -25.29 10.58
N ASN A 345 -2.58 -25.33 9.84
CA ASN A 345 -3.39 -24.14 9.66
C ASN A 345 -4.68 -24.45 8.93
N ALA A 346 -5.79 -24.32 9.62
CA ALA A 346 -7.11 -24.48 9.05
C ALA A 346 -7.75 -23.12 8.86
N THR A 347 -8.21 -22.84 7.65
CA THR A 347 -8.76 -21.55 7.31
C THR A 347 -10.12 -21.73 6.68
N VAL A 348 -11.18 -21.39 7.39
CA VAL A 348 -12.54 -21.46 6.86
C VAL A 348 -12.94 -20.11 6.34
N SER A 349 -13.26 -20.02 5.04
CA SER A 349 -13.52 -18.76 4.40
C SER A 349 -14.72 -18.87 3.48
N THR A 350 -15.32 -17.72 3.17
CA THR A 350 -16.47 -17.65 2.29
C THR A 350 -16.19 -16.62 1.21
N LYS A 351 -16.55 -16.93 -0.02
CA LYS A 351 -16.28 -16.07 -1.17
C LYS A 351 -17.57 -15.92 -1.96
N GLN A 352 -18.08 -14.71 -2.05
CA GLN A 352 -19.21 -14.42 -2.89
C GLN A 352 -18.89 -13.19 -3.72
N PHE A 353 -19.37 -13.16 -4.95
CA PHE A 353 -18.99 -12.09 -5.86
C PHE A 353 -20.23 -11.55 -6.54
N GLN A 354 -20.17 -10.27 -6.89
CA GLN A 354 -21.29 -9.56 -7.50
C GLN A 354 -20.84 -9.06 -8.85
N VAL A 355 -21.23 -9.74 -9.93
CA VAL A 355 -20.78 -9.35 -11.25
C VAL A 355 -21.56 -8.13 -11.72
N PHE A 356 -20.87 -7.20 -12.36
CA PHE A 356 -21.48 -5.95 -12.80
C PHE A 356 -21.94 -6.05 -14.25
N SER A 357 -22.14 -7.28 -14.70
CA SER A 357 -22.39 -7.50 -16.12
C SER A 357 -23.80 -8.05 -16.29
N GLU A 358 -24.41 -7.67 -17.41
CA GLU A 358 -25.72 -8.15 -17.79
C GLU A 358 -25.67 -9.21 -18.87
N GLN A 359 -24.47 -9.55 -19.35
CA GLN A 359 -24.33 -10.63 -20.32
C GLN A 359 -24.58 -11.99 -19.68
N ASN A 360 -24.03 -12.18 -18.48
CA ASN A 360 -24.30 -13.40 -17.72
C ASN A 360 -24.15 -13.06 -16.24
N THR A 361 -25.26 -13.14 -15.51
CA THR A 361 -25.26 -12.89 -14.08
C THR A 361 -25.08 -14.17 -13.26
N SER A 362 -24.87 -15.31 -13.92
CA SER A 362 -24.56 -16.53 -13.19
C SER A 362 -23.21 -16.43 -12.52
N SER A 363 -23.22 -16.30 -11.20
CA SER A 363 -22.01 -16.25 -10.41
C SER A 363 -21.97 -17.46 -9.49
N TYR A 364 -20.77 -17.95 -9.22
CA TYR A 364 -20.60 -19.04 -8.27
C TYR A 364 -19.96 -18.50 -7.01
N SER A 365 -20.17 -19.20 -5.90
CA SER A 365 -19.72 -18.77 -4.59
C SER A 365 -19.34 -19.97 -3.75
N ALA A 366 -18.30 -19.83 -2.96
CA ALA A 366 -17.89 -20.86 -2.02
C ALA A 366 -18.46 -20.50 -0.66
N GLU A 367 -19.26 -21.39 -0.09
CA GLU A 367 -20.01 -21.10 1.13
C GLU A 367 -20.21 -22.38 1.93
N PRO A 368 -19.28 -22.71 2.83
CA PRO A 368 -18.01 -22.09 3.14
C PRO A 368 -16.89 -22.87 2.51
N GLN A 369 -15.64 -22.44 2.63
CA GLN A 369 -14.51 -23.17 2.07
C GLN A 369 -13.49 -23.37 3.16
N LEU A 370 -13.09 -24.62 3.40
CA LEU A 370 -12.20 -24.98 4.49
C LEU A 370 -10.88 -25.47 3.91
N ASP A 371 -9.79 -24.82 4.27
CA ASP A 371 -8.46 -25.19 3.76
C ASP A 371 -7.59 -25.62 4.93
N VAL A 372 -7.16 -26.87 4.93
CA VAL A 372 -6.37 -27.42 6.03
C VAL A 372 -5.06 -27.96 5.48
N ASN A 373 -3.95 -27.38 5.93
CA ASN A 373 -2.62 -27.91 5.65
C ASN A 373 -2.11 -28.57 6.93
N TYR A 374 -1.12 -29.43 6.81
CA TYR A 374 -0.45 -30.00 7.97
C TYR A 374 0.89 -30.59 7.54
N TYR A 375 1.95 -29.83 7.75
CA TYR A 375 3.29 -30.24 7.37
C TYR A 375 3.87 -31.11 8.46
N GLN A 376 4.83 -31.96 8.10
CA GLN A 376 5.55 -32.78 9.08
C GLN A 376 6.88 -33.16 8.44
N ASN A 377 7.89 -32.35 8.68
CA ASN A 377 9.19 -32.56 8.07
C ASN A 377 9.99 -33.60 8.84
N ASP A 378 11.13 -33.97 8.29
CA ASP A 378 12.07 -34.89 8.93
C ASP A 378 11.43 -36.25 9.22
N VAL A 379 10.68 -36.78 8.25
CA VAL A 379 10.20 -38.15 8.32
C VAL A 379 11.31 -39.06 7.81
N GLY A 380 12.49 -38.96 8.42
CA GLY A 380 13.68 -39.56 7.89
C GLY A 380 14.39 -38.59 6.97
N PRO A 381 14.63 -39.01 5.72
CA PRO A 381 15.13 -38.08 4.72
C PRO A 381 14.04 -37.37 3.93
N PHE A 382 12.80 -37.81 4.06
CA PHE A 382 11.68 -37.24 3.32
C PHE A 382 11.14 -36.02 4.06
N ASP A 383 10.23 -35.31 3.39
CA ASP A 383 9.29 -34.41 4.03
C ASP A 383 7.89 -34.90 3.73
N THR A 384 6.89 -34.20 4.25
CA THR A 384 5.50 -34.57 4.03
C THR A 384 4.60 -33.37 4.29
N ARG A 385 3.42 -33.40 3.69
CA ARG A 385 2.38 -32.43 3.97
C ARG A 385 1.07 -32.98 3.44
N ILE A 386 -0.02 -32.63 4.11
CA ILE A 386 -1.35 -33.06 3.72
C ILE A 386 -2.21 -31.83 3.56
N TYR A 387 -2.81 -31.67 2.39
CA TYR A 387 -3.66 -30.54 2.10
C TYR A 387 -5.09 -31.02 1.91
N GLY A 388 -5.99 -30.51 2.72
CA GLY A 388 -7.39 -30.91 2.64
C GLY A 388 -8.26 -29.70 2.42
N GLN A 389 -9.28 -29.87 1.60
CA GLN A 389 -10.18 -28.77 1.32
C GLN A 389 -11.60 -29.27 1.15
N ALA A 390 -12.52 -28.66 1.87
CA ALA A 390 -13.94 -28.90 1.68
C ALA A 390 -14.57 -27.57 1.28
N VAL A 391 -15.49 -27.61 0.32
CA VAL A 391 -16.06 -26.38 -0.23
C VAL A 391 -17.42 -26.70 -0.82
N HIS A 392 -18.32 -25.74 -0.73
CA HIS A 392 -19.71 -25.90 -1.16
C HIS A 392 -20.05 -24.77 -2.11
N PHE A 393 -20.28 -25.11 -3.39
CA PHE A 393 -20.50 -24.13 -4.43
C PHE A 393 -21.98 -23.90 -4.63
N VAL A 394 -22.42 -22.67 -4.42
CA VAL A 394 -23.81 -22.31 -4.65
C VAL A 394 -23.85 -21.16 -5.65
N ASN A 395 -24.66 -21.32 -6.68
CA ASN A 395 -24.80 -20.32 -7.73
C ASN A 395 -25.84 -19.29 -7.32
N THR A 396 -25.69 -18.08 -7.87
CA THR A 396 -26.73 -17.07 -7.71
C THR A 396 -28.02 -17.46 -8.41
N ARG A 397 -27.96 -17.92 -9.64
CA ARG A 397 -29.11 -18.43 -10.36
C ARG A 397 -29.56 -19.72 -9.69
N ASP A 398 -30.83 -20.08 -9.87
CA ASP A 398 -31.38 -21.24 -9.19
C ASP A 398 -31.32 -22.50 -10.03
N ASP A 399 -30.81 -22.45 -11.26
CA ASP A 399 -30.77 -23.59 -12.14
C ASP A 399 -29.39 -24.24 -12.24
N MET A 400 -28.35 -23.48 -12.12
CA MET A 400 -27.02 -24.01 -12.36
C MET A 400 -26.64 -25.01 -11.27
N PRO A 401 -25.73 -25.94 -11.58
CA PRO A 401 -25.43 -27.01 -10.62
C PRO A 401 -24.79 -26.47 -9.35
N GLU A 402 -25.04 -27.17 -8.25
CA GLU A 402 -24.37 -26.96 -6.98
C GLU A 402 -23.60 -28.21 -6.60
N ALA A 403 -22.55 -28.04 -5.80
CA ALA A 403 -21.69 -29.17 -5.50
C ALA A 403 -21.06 -29.02 -4.14
N THR A 404 -20.58 -30.13 -3.61
CA THR A 404 -19.81 -30.18 -2.36
C THR A 404 -18.55 -30.96 -2.64
N ARG A 405 -17.41 -30.28 -2.67
CA ARG A 405 -16.16 -30.88 -3.08
C ARG A 405 -15.26 -31.06 -1.88
N VAL A 406 -14.70 -32.26 -1.73
CA VAL A 406 -13.76 -32.58 -0.66
C VAL A 406 -12.47 -33.04 -1.31
N HIS A 407 -11.34 -32.60 -0.79
CA HIS A 407 -10.06 -32.81 -1.43
C HIS A 407 -9.00 -33.19 -0.42
N LEU A 408 -8.08 -34.05 -0.82
CA LEU A 408 -6.98 -34.48 0.04
C LEU A 408 -5.76 -34.68 -0.84
N GLU A 409 -4.63 -34.09 -0.46
CA GLU A 409 -3.47 -34.01 -1.33
C GLU A 409 -2.23 -34.40 -0.54
N PRO A 410 -2.09 -35.67 -0.17
CA PRO A 410 -0.95 -36.05 0.68
C PRO A 410 0.37 -36.11 -0.06
N THR A 411 1.09 -34.98 -0.05
CA THR A 411 2.39 -34.84 -0.68
C THR A 411 3.41 -35.65 0.08
N ILE A 412 4.53 -35.98 -0.57
CA ILE A 412 5.71 -36.50 0.10
C ILE A 412 6.90 -36.33 -0.84
N ASN A 413 7.85 -35.48 -0.46
CA ASN A 413 8.97 -35.19 -1.36
C ASN A 413 10.30 -35.39 -0.66
N LEU A 414 11.26 -35.95 -1.39
CA LEU A 414 12.59 -36.28 -0.87
C LEU A 414 13.59 -35.30 -1.46
N PRO A 415 14.11 -34.37 -0.68
CA PRO A 415 15.03 -33.38 -1.22
C PRO A 415 16.48 -33.81 -1.05
N LEU A 416 17.24 -33.73 -2.13
CA LEU A 416 18.68 -33.98 -2.14
C LEU A 416 19.36 -32.68 -2.52
N SER A 417 20.59 -32.47 -2.05
CA SER A 417 21.27 -31.22 -2.31
C SER A 417 22.76 -31.35 -2.09
N ASN A 418 23.53 -30.62 -2.88
CA ASN A 418 24.98 -30.51 -2.71
C ASN A 418 25.34 -29.03 -2.77
N ASN A 419 26.61 -28.75 -3.05
CA ASN A 419 27.02 -27.35 -3.18
C ASN A 419 26.60 -26.78 -4.53
N TRP A 420 26.44 -27.63 -5.54
CA TRP A 420 26.24 -27.18 -6.91
C TRP A 420 24.93 -27.62 -7.53
N GLY A 421 24.14 -28.45 -6.87
CA GLY A 421 22.91 -28.92 -7.47
C GLY A 421 21.90 -29.32 -6.43
N SER A 422 20.75 -29.78 -6.90
CA SER A 422 19.69 -30.22 -6.02
C SER A 422 18.57 -30.85 -6.83
N ILE A 423 18.32 -32.13 -6.59
CA ILE A 423 17.23 -32.85 -7.23
C ILE A 423 16.19 -33.18 -6.18
N ASN A 424 14.92 -33.03 -6.52
CA ASN A 424 13.84 -32.97 -5.55
C ASN A 424 12.66 -33.77 -6.08
N THR A 425 12.68 -35.08 -5.90
CA THR A 425 11.60 -35.96 -6.30
C THR A 425 10.38 -35.59 -5.46
N GLU A 426 9.18 -35.89 -5.96
CA GLU A 426 7.96 -35.61 -5.23
C GLU A 426 6.79 -36.39 -5.80
N ALA A 427 6.23 -37.29 -5.01
CA ALA A 427 5.02 -38.00 -5.37
C ALA A 427 3.86 -37.36 -4.64
N LYS A 428 2.64 -37.59 -5.12
CA LYS A 428 1.48 -36.89 -4.58
C LYS A 428 0.22 -37.53 -5.12
N LEU A 429 -0.83 -37.53 -4.31
CA LEU A 429 -2.12 -38.12 -4.68
C LEU A 429 -3.19 -37.06 -4.52
N LEU A 430 -4.24 -37.15 -5.34
CA LEU A 430 -5.22 -36.08 -5.48
C LEU A 430 -6.61 -36.67 -5.40
N ALA A 431 -7.08 -36.97 -4.20
CA ALA A 431 -8.34 -37.68 -4.02
C ALA A 431 -9.49 -36.69 -3.88
N THR A 432 -10.06 -36.28 -5.01
CA THR A 432 -11.16 -35.32 -5.03
C THR A 432 -12.48 -36.05 -5.16
N HIS A 433 -13.44 -35.67 -4.34
CA HIS A 433 -14.76 -36.29 -4.31
C HIS A 433 -15.84 -35.23 -4.47
N TYR A 434 -16.75 -35.45 -5.40
CA TYR A 434 -17.81 -34.50 -5.70
C TYR A 434 -19.17 -35.03 -5.26
N GLN A 435 -20.12 -34.11 -5.14
CA GLN A 435 -21.52 -34.41 -4.92
C GLN A 435 -22.31 -33.27 -5.53
N GLN A 436 -22.86 -33.49 -6.71
CA GLN A 436 -23.51 -32.43 -7.46
C GLN A 436 -25.02 -32.63 -7.44
N THR A 437 -25.74 -31.56 -7.17
CA THR A 437 -27.19 -31.56 -7.13
C THR A 437 -27.72 -30.42 -7.99
N ASN A 438 -29.03 -30.43 -8.21
CA ASN A 438 -29.68 -29.46 -9.10
C ASN A 438 -29.08 -29.53 -10.50
N LEU A 439 -29.19 -30.70 -11.12
CA LEU A 439 -28.59 -30.96 -12.42
C LEU A 439 -29.60 -31.03 -13.55
N ASP A 440 -30.89 -30.89 -13.26
CA ASP A 440 -31.91 -31.15 -14.29
C ASP A 440 -31.76 -30.21 -15.46
N TRP A 441 -31.47 -28.94 -15.20
CA TRP A 441 -31.41 -27.94 -16.25
C TRP A 441 -30.19 -28.13 -17.15
N TYR A 442 -28.99 -28.10 -16.55
CA TYR A 442 -27.77 -28.26 -17.31
C TYR A 442 -27.74 -29.60 -18.04
N ASN A 443 -28.15 -30.67 -17.37
CA ASN A 443 -28.18 -31.97 -18.02
C ASN A 443 -29.21 -32.03 -19.13
N SER A 444 -30.35 -31.36 -18.95
CA SER A 444 -31.37 -31.34 -19.99
C SER A 444 -30.87 -30.67 -21.26
N ARG A 445 -30.13 -29.57 -21.14
CA ARG A 445 -29.69 -28.90 -22.35
C ARG A 445 -28.50 -29.55 -23.04
N ASN A 446 -27.46 -29.94 -22.31
CA ASN A 446 -26.19 -30.32 -22.92
C ASN A 446 -26.12 -31.81 -23.19
N THR A 447 -25.08 -32.20 -23.92
CA THR A 447 -24.93 -33.61 -24.32
C THR A 447 -24.08 -34.37 -23.31
N THR A 448 -22.92 -33.83 -22.95
CA THR A 448 -22.10 -34.44 -21.92
C THR A 448 -22.74 -34.25 -20.56
N LYS A 449 -23.32 -35.31 -20.02
CA LYS A 449 -24.10 -35.22 -18.80
C LYS A 449 -23.19 -35.07 -17.59
N LEU A 450 -23.75 -34.59 -16.49
CA LEU A 450 -23.03 -34.48 -15.24
C LEU A 450 -23.51 -35.54 -14.26
N ASP A 451 -22.57 -36.29 -13.70
CA ASP A 451 -22.91 -37.32 -12.72
C ASP A 451 -23.21 -36.67 -11.38
N GLU A 452 -24.08 -37.32 -10.60
CA GLU A 452 -24.44 -36.79 -9.30
C GLU A 452 -23.27 -36.87 -8.32
N SER A 453 -22.52 -37.97 -8.37
CA SER A 453 -21.38 -38.18 -7.50
C SER A 453 -20.18 -38.56 -8.37
N VAL A 454 -19.05 -37.92 -8.14
CA VAL A 454 -17.84 -38.13 -8.93
C VAL A 454 -16.67 -38.34 -7.99
N ASN A 455 -15.88 -39.38 -8.25
CA ASN A 455 -14.60 -39.57 -7.59
C ASN A 455 -13.50 -39.37 -8.60
N ARG A 456 -12.38 -38.82 -8.16
CA ARG A 456 -11.26 -38.52 -9.04
C ARG A 456 -9.98 -38.63 -8.22
N VAL A 457 -9.24 -39.70 -8.41
CA VAL A 457 -8.00 -39.95 -7.69
C VAL A 457 -6.88 -40.08 -8.71
N MET A 458 -5.89 -39.18 -8.64
CA MET A 458 -4.85 -39.17 -9.65
C MET A 458 -3.47 -39.00 -9.02
N PRO A 459 -2.54 -39.91 -9.25
CA PRO A 459 -1.17 -39.69 -8.79
C PRO A 459 -0.53 -38.55 -9.56
N GLN A 460 0.44 -37.92 -8.94
CA GLN A 460 1.26 -36.91 -9.59
C GLN A 460 2.71 -37.10 -9.18
N PHE A 461 3.55 -37.41 -10.16
CA PHE A 461 4.96 -37.62 -9.93
C PHE A 461 5.74 -36.47 -10.55
N LYS A 462 6.69 -35.92 -9.81
CA LYS A 462 7.44 -34.76 -10.26
C LYS A 462 8.90 -34.93 -9.87
N VAL A 463 9.80 -34.57 -10.76
CA VAL A 463 11.23 -34.66 -10.48
C VAL A 463 11.86 -33.33 -10.87
N ASP A 464 12.11 -32.48 -9.90
CA ASP A 464 12.73 -31.19 -10.13
C ASP A 464 14.24 -31.35 -10.06
N GLY A 465 14.92 -30.78 -11.03
CA GLY A 465 16.38 -30.76 -11.00
C GLY A 465 16.85 -29.33 -10.96
N LYS A 466 18.16 -29.16 -10.79
CA LYS A 466 18.80 -27.85 -10.83
C LYS A 466 20.29 -28.00 -10.64
N MET A 467 21.03 -27.07 -11.21
CA MET A 467 22.48 -27.00 -11.04
C MET A 467 22.87 -25.55 -11.08
N VAL A 468 24.00 -25.20 -10.48
CA VAL A 468 24.47 -23.82 -10.51
C VAL A 468 25.93 -23.81 -10.88
N PHE A 469 26.30 -22.96 -11.83
CA PHE A 469 27.68 -22.71 -12.19
C PHE A 469 28.06 -21.29 -11.80
N GLU A 470 29.34 -20.98 -11.90
CA GLU A 470 29.82 -19.63 -11.65
C GLU A 470 31.01 -19.34 -12.56
N ARG A 471 31.30 -18.05 -12.74
CA ARG A 471 32.38 -17.62 -13.60
C ARG A 471 32.80 -16.22 -13.20
N ASP A 472 34.06 -15.88 -13.45
CA ASP A 472 34.55 -14.54 -13.18
C ASP A 472 34.47 -13.69 -14.43
N MET A 473 33.77 -12.57 -14.33
CA MET A 473 33.54 -11.68 -15.47
C MET A 473 34.71 -10.71 -15.66
N GLU A 474 35.81 -11.22 -16.20
CA GLU A 474 36.98 -10.37 -16.40
C GLU A 474 36.78 -9.42 -17.57
N MET A 475 35.90 -9.76 -18.52
CA MET A 475 35.66 -8.89 -19.66
C MET A 475 34.60 -7.83 -19.38
N LEU A 476 33.87 -7.94 -18.27
CA LEU A 476 33.21 -6.79 -17.68
C LEU A 476 34.19 -6.08 -16.75
N ALA A 477 33.68 -5.50 -15.68
CA ALA A 477 34.54 -4.82 -14.72
C ALA A 477 35.35 -5.86 -13.97
N PRO A 478 36.47 -5.48 -13.35
CA PRO A 478 37.18 -6.43 -12.49
C PRO A 478 36.33 -6.82 -11.29
N GLY A 479 36.27 -8.12 -11.03
CA GLY A 479 35.58 -8.61 -9.86
C GLY A 479 34.16 -9.08 -10.08
N TYR A 480 33.52 -8.67 -11.18
CA TYR A 480 32.15 -9.10 -11.42
C TYR A 480 32.08 -10.60 -11.58
N THR A 481 30.97 -11.17 -11.14
CA THR A 481 30.74 -12.61 -11.19
C THR A 481 29.51 -12.88 -12.02
N GLN A 482 29.42 -14.08 -12.57
CA GLN A 482 28.25 -14.52 -13.32
C GLN A 482 27.89 -15.92 -12.85
N THR A 483 26.62 -16.27 -12.97
CA THR A 483 26.18 -17.63 -12.69
C THR A 483 25.52 -18.23 -13.92
N LEU A 484 24.81 -19.34 -13.71
CA LEU A 484 24.08 -20.03 -14.74
C LEU A 484 23.39 -21.20 -14.07
N GLU A 485 22.06 -21.15 -13.99
CA GLU A 485 21.29 -22.04 -13.12
C GLU A 485 20.33 -22.89 -13.93
N PRO A 486 20.84 -23.81 -14.73
CA PRO A 486 19.97 -24.56 -15.64
C PRO A 486 19.08 -25.55 -14.91
N ARG A 487 17.81 -25.19 -14.81
CA ARG A 487 16.81 -26.00 -14.12
C ARG A 487 16.14 -26.90 -15.13
N ALA A 488 15.57 -28.02 -14.68
CA ALA A 488 14.97 -28.97 -15.60
C ALA A 488 14.05 -29.94 -14.87
N GLN A 489 12.75 -29.68 -14.94
CA GLN A 489 11.74 -30.41 -14.19
C GLN A 489 11.13 -31.48 -15.08
N TYR A 490 10.57 -32.52 -14.48
CA TYR A 490 9.73 -33.48 -15.18
C TYR A 490 8.48 -33.73 -14.36
N LEU A 491 7.32 -33.72 -15.02
CA LEU A 491 6.05 -33.81 -14.34
C LEU A 491 5.20 -34.87 -15.03
N TYR A 492 4.30 -35.52 -14.28
CA TYR A 492 3.46 -36.56 -14.85
C TYR A 492 2.19 -36.72 -14.04
N VAL A 493 1.06 -36.37 -14.63
CA VAL A 493 -0.27 -36.66 -14.09
C VAL A 493 -1.03 -37.47 -15.13
N PRO A 494 -1.64 -38.60 -14.78
CA PRO A 494 -2.38 -39.37 -15.77
C PRO A 494 -3.65 -38.69 -16.20
N TYR A 495 -4.37 -39.32 -17.13
CA TYR A 495 -5.55 -38.71 -17.71
C TYR A 495 -6.81 -39.27 -17.07
N ARG A 496 -7.65 -38.38 -16.56
CA ARG A 496 -8.94 -38.75 -15.98
C ARG A 496 -10.02 -37.90 -16.64
N ASP A 497 -11.03 -38.57 -17.19
CA ASP A 497 -12.09 -37.87 -17.89
C ASP A 497 -12.83 -36.95 -16.93
N GLN A 498 -12.45 -35.68 -16.93
CA GLN A 498 -13.07 -34.68 -16.08
C GLN A 498 -14.16 -33.91 -16.80
N SER A 499 -15.01 -34.58 -17.58
CA SER A 499 -16.06 -33.88 -18.31
C SER A 499 -17.40 -33.92 -17.59
N ASP A 500 -17.54 -34.77 -16.57
CA ASP A 500 -18.77 -34.85 -15.81
C ASP A 500 -18.76 -33.93 -14.60
N ILE A 501 -17.77 -33.07 -14.47
CA ILE A 501 -17.63 -32.14 -13.36
C ILE A 501 -17.71 -30.72 -13.91
N TYR A 502 -18.77 -30.00 -13.56
CA TYR A 502 -18.87 -28.62 -13.99
C TYR A 502 -17.68 -27.83 -13.47
N ASN A 503 -17.30 -26.79 -14.21
CA ASN A 503 -16.13 -26.00 -13.89
C ASN A 503 -16.52 -24.90 -12.91
N TYR A 504 -16.58 -25.22 -11.63
CA TYR A 504 -16.91 -24.21 -10.64
C TYR A 504 -15.78 -23.22 -10.42
N ASP A 505 -14.53 -23.70 -10.27
CA ASP A 505 -13.38 -22.81 -10.06
C ASP A 505 -12.12 -23.38 -10.72
N SER A 506 -11.98 -23.16 -12.02
CA SER A 506 -10.77 -23.54 -12.73
C SER A 506 -10.63 -22.69 -13.97
N SER A 507 -9.56 -21.90 -14.03
CA SER A 507 -9.24 -21.02 -15.14
C SER A 507 -7.81 -21.26 -15.57
N LEU A 508 -7.53 -20.99 -16.84
CA LEU A 508 -6.18 -21.18 -17.35
C LEU A 508 -5.24 -20.16 -16.73
N LEU A 509 -4.14 -20.64 -16.16
CA LEU A 509 -3.15 -19.76 -15.57
C LEU A 509 -2.10 -19.36 -16.59
N GLN A 510 -1.44 -18.24 -16.34
CA GLN A 510 -0.42 -17.75 -17.23
C GLN A 510 0.88 -18.52 -17.03
N SER A 511 1.82 -18.33 -17.97
CA SER A 511 3.05 -19.10 -18.02
C SER A 511 4.23 -18.17 -18.28
N ASP A 512 4.53 -17.32 -17.31
CA ASP A 512 5.80 -16.60 -17.36
C ASP A 512 6.93 -17.58 -17.06
N TYR A 513 8.12 -17.06 -16.81
CA TYR A 513 9.23 -17.97 -16.53
C TYR A 513 9.04 -18.68 -15.22
N SER A 514 8.58 -17.96 -14.20
CA SER A 514 8.40 -18.58 -12.90
C SER A 514 7.32 -19.65 -12.94
N GLY A 515 6.28 -19.42 -13.73
CA GLY A 515 5.16 -20.34 -13.79
C GLY A 515 5.27 -21.41 -14.84
N LEU A 516 6.46 -21.62 -15.40
CA LEU A 516 6.65 -22.80 -16.24
C LEU A 516 6.76 -24.06 -15.40
N PHE A 517 7.50 -24.00 -14.30
CA PHE A 517 7.79 -25.16 -13.48
C PHE A 517 6.65 -25.50 -12.55
N ARG A 518 5.61 -24.68 -12.53
CA ARG A 518 4.41 -25.00 -11.80
C ARG A 518 3.82 -26.30 -12.33
N ASP A 519 3.18 -27.05 -11.45
CA ASP A 519 2.62 -28.33 -11.81
C ASP A 519 1.09 -28.29 -11.93
N ARG A 520 0.53 -27.18 -12.39
CA ARG A 520 -0.90 -27.06 -12.57
C ARG A 520 -1.20 -26.18 -13.77
N THR A 521 -1.89 -26.74 -14.77
CA THR A 521 -2.34 -25.94 -15.89
C THR A 521 -3.51 -25.05 -15.51
N TYR A 522 -4.48 -25.58 -14.75
CA TYR A 522 -5.65 -24.83 -14.30
C TYR A 522 -5.55 -24.58 -12.80
N GLY A 523 -5.82 -23.34 -12.40
CA GLY A 523 -5.94 -23.02 -11.00
C GLY A 523 -7.21 -23.62 -10.42
N GLY A 524 -7.31 -23.57 -9.10
CA GLY A 524 -8.46 -24.25 -8.57
C GLY A 524 -8.27 -25.75 -8.65
N LEU A 525 -9.38 -26.49 -8.62
CA LEU A 525 -9.30 -27.93 -8.47
C LEU A 525 -10.34 -28.71 -9.27
N ASP A 526 -11.20 -28.05 -10.04
CA ASP A 526 -12.19 -28.76 -10.84
C ASP A 526 -11.58 -29.41 -12.06
N ARG A 527 -10.49 -28.85 -12.58
CA ARG A 527 -9.84 -29.33 -13.78
C ARG A 527 -8.37 -29.48 -13.49
N ILE A 528 -7.90 -30.71 -13.37
CA ILE A 528 -6.48 -30.97 -13.19
C ILE A 528 -6.00 -31.55 -14.50
N ALA A 529 -5.33 -30.73 -15.30
CA ALA A 529 -4.96 -31.15 -16.64
C ALA A 529 -3.93 -32.26 -16.57
N SER A 530 -4.19 -33.35 -17.27
CA SER A 530 -3.20 -34.41 -17.39
C SER A 530 -1.95 -33.84 -18.04
N ALA A 531 -0.78 -34.30 -17.60
CA ALA A 531 0.46 -33.77 -18.12
C ALA A 531 1.45 -34.90 -18.28
N ASN A 532 2.49 -34.66 -19.09
CA ASN A 532 3.57 -35.61 -19.29
C ASN A 532 4.70 -34.84 -19.94
N GLN A 533 5.21 -33.85 -19.23
CA GLN A 533 6.04 -32.83 -19.83
C GLN A 533 7.41 -32.83 -19.19
N VAL A 534 8.34 -32.15 -19.84
CA VAL A 534 9.64 -31.81 -19.26
C VAL A 534 9.86 -30.33 -19.50
N THR A 535 10.25 -29.61 -18.46
CA THR A 535 10.49 -28.19 -18.55
C THR A 535 11.98 -27.93 -18.45
N THR A 536 12.48 -27.01 -19.24
CA THR A 536 13.90 -26.69 -19.19
C THR A 536 14.07 -25.18 -19.21
N GLY A 537 14.57 -24.63 -18.12
CA GLY A 537 14.86 -23.22 -18.07
C GLY A 537 16.30 -23.03 -17.65
N VAL A 538 16.84 -21.88 -18.04
CA VAL A 538 18.20 -21.51 -17.67
C VAL A 538 18.21 -20.05 -17.27
N THR A 539 18.71 -19.77 -16.08
CA THR A 539 18.71 -18.43 -15.50
C THR A 539 20.13 -17.99 -15.25
N SER A 540 20.50 -16.84 -15.77
CA SER A 540 21.83 -16.29 -15.62
C SER A 540 21.77 -14.98 -14.84
N ARG A 541 22.68 -14.81 -13.89
CA ARG A 541 22.74 -13.61 -13.08
C ARG A 541 24.15 -13.05 -13.13
N ILE A 542 24.29 -11.76 -12.91
CA ILE A 542 25.57 -11.09 -12.98
C ILE A 542 25.77 -10.27 -11.72
N TYR A 543 26.56 -10.78 -10.80
CA TYR A 543 26.85 -10.13 -9.54
C TYR A 543 28.02 -9.19 -9.71
N ASP A 544 28.06 -8.11 -8.93
CA ASP A 544 29.21 -7.25 -8.98
C ASP A 544 30.14 -7.54 -7.80
N ASP A 545 30.99 -6.55 -7.47
CA ASP A 545 32.01 -6.77 -6.47
C ASP A 545 31.43 -7.09 -5.10
N ALA A 546 30.36 -6.42 -4.70
CA ALA A 546 29.69 -6.67 -3.43
C ALA A 546 28.63 -7.75 -3.53
N ALA A 547 28.68 -8.61 -4.54
CA ALA A 547 27.70 -9.68 -4.74
C ALA A 547 26.28 -9.15 -4.71
N VAL A 548 25.98 -8.15 -5.54
CA VAL A 548 24.64 -7.59 -5.66
C VAL A 548 24.12 -7.87 -7.06
N GLU A 549 23.11 -8.72 -7.16
CA GLU A 549 22.59 -9.14 -8.46
C GLU A 549 22.26 -7.93 -9.30
N ARG A 550 23.06 -7.69 -10.34
CA ARG A 550 22.84 -6.55 -11.23
C ARG A 550 22.02 -6.86 -12.45
N PHE A 551 21.67 -8.13 -12.68
CA PHE A 551 21.09 -8.52 -13.95
C PHE A 551 20.71 -9.98 -13.87
N ASN A 552 19.55 -10.34 -14.39
CA ASN A 552 19.19 -11.74 -14.47
C ASN A 552 18.23 -11.96 -15.62
N ILE A 553 18.54 -12.95 -16.45
CA ILE A 553 17.72 -13.29 -17.61
C ILE A 553 17.32 -14.74 -17.45
N SER A 554 16.20 -15.12 -18.06
CA SER A 554 15.71 -16.47 -17.96
C SER A 554 14.94 -16.82 -19.21
N VAL A 555 15.16 -18.01 -19.74
CA VAL A 555 14.36 -18.52 -20.84
C VAL A 555 14.02 -19.96 -20.56
N GLY A 556 12.74 -20.29 -20.61
CA GLY A 556 12.38 -21.67 -20.34
C GLY A 556 11.34 -22.12 -21.34
N GLN A 557 11.30 -23.42 -21.57
CA GLN A 557 10.35 -23.99 -22.50
C GLN A 557 9.75 -25.23 -21.88
N ILE A 558 8.51 -25.52 -22.24
CA ILE A 558 7.86 -26.75 -21.84
C ILE A 558 7.85 -27.67 -23.05
N TYR A 559 8.07 -28.96 -22.82
CA TYR A 559 8.04 -29.95 -23.89
C TYR A 559 7.05 -31.03 -23.49
N TYR A 560 5.85 -30.99 -24.06
CA TYR A 560 4.83 -31.96 -23.72
C TYR A 560 5.04 -33.20 -24.56
N PHE A 561 5.38 -34.32 -23.93
CA PHE A 561 5.43 -35.56 -24.69
C PHE A 561 4.05 -35.98 -25.16
N THR A 562 3.00 -35.52 -24.50
CA THR A 562 1.64 -35.87 -24.85
C THR A 562 0.73 -34.71 -24.47
N GLU A 563 -0.31 -34.51 -25.27
CA GLU A 563 -1.17 -33.34 -25.10
C GLU A 563 -1.78 -33.31 -23.70
N SER A 564 -1.91 -32.12 -23.14
CA SER A 564 -2.47 -31.96 -21.80
C SER A 564 -3.99 -31.98 -21.89
N ARG A 565 -4.58 -33.15 -21.68
CA ARG A 565 -6.01 -33.34 -21.84
C ARG A 565 -6.70 -33.37 -20.48
N THR A 566 -7.76 -32.58 -20.35
CA THR A 566 -8.64 -32.66 -19.20
C THR A 566 -9.91 -33.44 -19.47
N GLY A 567 -10.12 -33.90 -20.70
CA GLY A 567 -11.37 -34.52 -21.08
C GLY A 567 -12.47 -33.54 -21.40
N ASP A 568 -12.21 -32.23 -21.27
CA ASP A 568 -13.18 -31.18 -21.57
C ASP A 568 -12.44 -30.00 -22.19
N ASP A 569 -11.79 -30.26 -23.32
CA ASP A 569 -10.95 -29.26 -23.97
C ASP A 569 -11.79 -28.43 -24.94
N ASN A 570 -12.32 -27.33 -24.43
CA ASN A 570 -13.08 -26.39 -25.25
C ASN A 570 -12.25 -25.19 -25.68
N ILE A 571 -10.94 -25.19 -25.38
CA ILE A 571 -10.10 -24.05 -25.70
C ILE A 571 -9.93 -23.96 -27.21
N THR A 572 -9.65 -22.76 -27.72
CA THR A 572 -9.66 -22.51 -29.15
C THR A 572 -8.29 -21.98 -29.58
N TRP A 573 -7.35 -22.90 -29.82
CA TRP A 573 -6.02 -22.54 -30.28
C TRP A 573 -6.04 -22.29 -31.78
N GLU A 574 -5.09 -21.47 -32.25
CA GLU A 574 -5.01 -21.15 -33.67
C GLU A 574 -4.64 -22.34 -34.54
N ASN A 575 -4.04 -23.39 -33.97
CA ASN A 575 -3.61 -24.52 -34.76
C ASN A 575 -3.84 -25.81 -33.97
N ASP A 576 -3.26 -26.89 -34.46
CA ASP A 576 -3.45 -28.22 -33.88
C ASP A 576 -2.17 -28.80 -33.29
N ASP A 577 -1.21 -27.95 -32.94
CA ASP A 577 0.01 -28.42 -32.28
C ASP A 577 -0.36 -29.01 -30.93
N LYS A 578 0.20 -30.19 -30.61
CA LYS A 578 -0.14 -30.88 -29.38
C LYS A 578 1.06 -31.31 -28.56
N THR A 579 2.15 -31.75 -29.20
CA THR A 579 3.34 -32.18 -28.48
C THR A 579 4.53 -31.40 -29.02
N GLY A 580 5.54 -31.26 -28.18
CA GLY A 580 6.69 -30.46 -28.51
C GLY A 580 6.72 -29.15 -27.75
N SER A 581 7.76 -28.36 -28.02
CA SER A 581 7.98 -27.12 -27.28
C SER A 581 6.85 -26.14 -27.54
N LEU A 582 5.71 -26.38 -26.88
CA LEU A 582 4.54 -25.57 -27.16
C LEU A 582 4.65 -24.17 -26.55
N VAL A 583 5.25 -24.02 -25.37
CA VAL A 583 5.30 -22.75 -24.67
C VAL A 583 6.75 -22.38 -24.44
N TRP A 584 7.07 -21.10 -24.64
CA TRP A 584 8.34 -20.52 -24.25
C TRP A 584 8.06 -19.32 -23.39
N ALA A 585 9.04 -18.86 -22.63
CA ALA A 585 8.77 -17.76 -21.72
C ALA A 585 10.05 -17.19 -21.18
N GLY A 586 10.23 -15.90 -21.39
CA GLY A 586 11.43 -15.23 -20.94
C GLY A 586 11.15 -14.34 -19.76
N ASP A 587 12.19 -13.67 -19.25
CA ASP A 587 12.09 -12.80 -18.09
C ASP A 587 13.45 -12.20 -17.79
N THR A 588 13.53 -10.88 -17.76
CA THR A 588 14.77 -10.23 -17.41
C THR A 588 14.52 -9.21 -16.31
N TYR A 589 15.62 -8.61 -15.84
CA TYR A 589 15.57 -7.53 -14.87
C TYR A 589 16.98 -6.97 -14.73
N TRP A 590 17.23 -5.85 -15.38
CA TRP A 590 18.54 -5.25 -15.42
C TRP A 590 18.53 -4.04 -14.51
N ARG A 591 19.43 -4.02 -13.53
CA ARG A 591 19.53 -2.89 -12.61
C ARG A 591 20.70 -2.02 -13.05
N ILE A 592 20.41 -1.14 -14.01
CA ILE A 592 21.47 -0.39 -14.68
C ILE A 592 22.25 0.45 -13.69
N SER A 593 21.59 1.02 -12.69
CA SER A 593 22.27 1.85 -11.71
C SER A 593 21.45 1.86 -10.43
N GLU A 594 21.89 2.69 -9.49
CA GLU A 594 21.11 2.88 -8.27
C GLU A 594 19.74 3.48 -8.58
N ARG A 595 19.62 4.22 -9.67
CA ARG A 595 18.40 4.92 -10.02
C ARG A 595 17.63 4.29 -11.15
N TRP A 596 18.27 3.92 -12.24
CA TRP A 596 17.60 3.30 -13.38
C TRP A 596 17.16 1.91 -13.00
N GLY A 597 16.68 1.14 -13.97
CA GLY A 597 16.27 -0.22 -13.70
C GLY A 597 15.19 -0.66 -14.65
N LEU A 598 15.45 -1.77 -15.31
CA LEU A 598 14.65 -2.23 -16.41
C LEU A 598 14.07 -3.59 -16.07
N ARG A 599 12.95 -3.94 -16.68
CA ARG A 599 12.31 -5.22 -16.47
C ARG A 599 11.83 -5.76 -17.79
N GLY A 600 11.21 -6.93 -17.77
CA GLY A 600 10.81 -7.54 -19.02
C GLY A 600 9.96 -8.77 -18.80
N GLY A 601 9.57 -9.36 -19.90
CA GLY A 601 8.72 -10.54 -19.86
C GLY A 601 8.26 -10.84 -21.26
N ILE A 602 7.95 -12.09 -21.52
CA ILE A 602 7.41 -12.53 -22.80
C ILE A 602 7.01 -13.98 -22.64
N GLN A 603 5.98 -14.39 -23.35
CA GLN A 603 5.50 -15.76 -23.28
C GLN A 603 5.03 -16.21 -24.64
N TYR A 604 5.95 -16.30 -25.59
CA TYR A 604 5.64 -16.81 -26.91
C TYR A 604 4.94 -18.15 -26.75
N ASP A 605 4.01 -18.45 -27.65
CA ASP A 605 3.34 -19.74 -27.63
C ASP A 605 3.24 -20.24 -29.07
N THR A 606 3.61 -21.50 -29.27
CA THR A 606 3.59 -22.06 -30.62
C THR A 606 2.19 -22.48 -31.05
N ARG A 607 1.30 -22.78 -30.09
CA ARG A 607 -0.07 -23.08 -30.47
C ARG A 607 -0.84 -21.85 -30.90
N LEU A 608 -0.36 -20.65 -30.59
CA LEU A 608 -0.93 -19.43 -31.10
C LEU A 608 -0.19 -18.86 -32.29
N ASP A 609 1.05 -19.31 -32.52
CA ASP A 609 1.91 -18.80 -33.58
C ASP A 609 2.18 -17.31 -33.42
N ASN A 610 2.06 -16.79 -32.20
CA ASN A 610 2.16 -15.36 -31.98
C ASN A 610 2.48 -15.12 -30.50
N VAL A 611 3.31 -14.10 -30.26
CA VAL A 611 3.73 -13.76 -28.91
C VAL A 611 2.50 -13.53 -28.05
N ALA A 612 2.22 -14.46 -27.13
CA ALA A 612 1.01 -14.37 -26.34
C ALA A 612 0.94 -13.06 -25.57
N THR A 613 1.80 -12.89 -24.56
CA THR A 613 1.84 -11.66 -23.80
C THR A 613 3.29 -11.25 -23.59
N SER A 614 3.53 -9.96 -23.34
CA SER A 614 4.88 -9.49 -23.11
C SER A 614 4.86 -8.07 -22.61
N ASN A 615 5.31 -7.86 -21.38
CA ASN A 615 5.37 -6.51 -20.84
C ASN A 615 6.79 -5.99 -20.92
N SER A 616 7.08 -4.98 -20.09
CA SER A 616 8.36 -4.30 -20.05
C SER A 616 8.23 -3.11 -19.12
N SER A 617 9.33 -2.37 -18.95
CA SER A 617 9.35 -1.07 -18.28
C SER A 617 10.78 -0.63 -18.12
N ILE A 618 11.01 0.67 -18.12
CA ILE A 618 12.33 1.21 -17.89
C ILE A 618 12.20 2.46 -17.03
N GLU A 619 12.19 2.26 -15.72
CA GLU A 619 11.95 3.33 -14.78
C GLU A 619 13.25 3.96 -14.33
N TYR A 620 13.32 5.28 -14.42
CA TYR A 620 14.39 6.05 -13.81
C TYR A 620 13.81 6.79 -12.62
N ARG A 621 14.28 6.44 -11.42
CA ARG A 621 13.70 7.00 -10.20
C ARG A 621 14.79 7.45 -9.25
N ARG A 622 15.07 8.75 -9.23
CA ARG A 622 15.98 9.31 -8.24
C ARG A 622 15.33 9.45 -6.88
N ASP A 623 14.05 9.81 -6.83
CA ASP A 623 13.34 10.04 -5.58
C ASP A 623 11.85 10.00 -5.90
N GLU A 624 11.02 10.01 -4.85
CA GLU A 624 9.58 9.98 -5.07
C GLU A 624 9.07 11.20 -5.82
N ASP A 625 9.86 12.27 -5.89
CA ASP A 625 9.48 13.48 -6.61
C ASP A 625 10.04 13.55 -8.01
N ARG A 626 11.03 12.73 -8.34
CA ARG A 626 11.73 12.78 -9.63
C ARG A 626 11.83 11.37 -10.18
N LEU A 627 10.90 11.00 -11.05
CA LEU A 627 10.85 9.64 -11.58
C LEU A 627 10.21 9.65 -12.96
N VAL A 628 10.79 8.90 -13.88
CA VAL A 628 10.18 8.76 -15.20
C VAL A 628 10.07 7.29 -15.54
N GLN A 629 8.87 6.83 -15.77
CA GLN A 629 8.65 5.42 -16.07
C GLN A 629 8.01 5.29 -17.44
N LEU A 630 8.47 4.30 -18.20
CA LEU A 630 7.81 3.87 -19.41
C LEU A 630 7.36 2.45 -19.17
N ASN A 631 6.56 1.90 -20.07
CA ASN A 631 6.24 0.49 -20.01
C ASN A 631 5.55 0.07 -21.28
N TYR A 632 4.87 -1.06 -21.21
CA TYR A 632 4.26 -1.70 -22.36
C TYR A 632 3.63 -3.00 -21.89
N ARG A 633 2.40 -3.27 -22.30
CA ARG A 633 1.76 -4.54 -22.03
C ARG A 633 1.11 -5.03 -23.29
N TYR A 634 1.39 -6.25 -23.67
CA TYR A 634 0.82 -6.83 -24.86
C TYR A 634 0.03 -8.07 -24.47
N ALA A 635 -0.90 -8.48 -25.32
CA ALA A 635 -1.67 -9.70 -25.15
C ALA A 635 -2.46 -9.95 -26.42
N SER A 636 -2.00 -10.84 -27.23
CA SER A 636 -2.46 -10.93 -28.61
C SER A 636 -3.92 -11.32 -28.68
N PRO A 637 -4.60 -10.98 -29.77
CA PRO A 637 -6.00 -11.40 -29.93
C PRO A 637 -6.19 -12.90 -29.85
N GLU A 638 -5.18 -13.69 -30.24
CA GLU A 638 -5.29 -15.13 -30.09
C GLU A 638 -5.37 -15.51 -28.62
N TYR A 639 -4.64 -14.83 -27.76
CA TYR A 639 -4.70 -15.15 -26.33
C TYR A 639 -6.05 -14.75 -25.74
N ILE A 640 -6.57 -13.60 -26.14
CA ILE A 640 -7.88 -13.17 -25.68
C ILE A 640 -8.95 -14.17 -26.11
N GLN A 641 -8.87 -14.64 -27.35
CA GLN A 641 -9.86 -15.60 -27.82
C GLN A 641 -9.69 -16.96 -27.14
N ALA A 642 -8.45 -17.33 -26.82
CA ALA A 642 -8.19 -18.67 -26.31
C ALA A 642 -8.06 -18.73 -24.80
N THR A 643 -8.42 -17.66 -24.10
CA THR A 643 -8.39 -17.67 -22.65
C THR A 643 -9.65 -17.10 -22.00
N LEU A 644 -10.14 -15.97 -22.47
CA LEU A 644 -11.29 -15.29 -21.91
C LEU A 644 -12.57 -15.81 -22.57
N PRO A 645 -13.75 -15.41 -22.08
CA PRO A 645 -14.99 -15.99 -22.61
C PRO A 645 -15.16 -15.84 -24.12
N LYS A 646 -16.22 -16.48 -24.63
CA LYS A 646 -16.44 -16.53 -26.06
C LYS A 646 -16.71 -15.16 -26.64
N TYR A 647 -17.50 -14.34 -25.95
CA TYR A 647 -17.83 -13.03 -26.50
C TYR A 647 -16.69 -12.04 -26.35
N TYR A 648 -15.61 -12.40 -25.67
CA TYR A 648 -14.42 -11.55 -25.69
C TYR A 648 -13.68 -11.69 -27.00
N SER A 649 -14.06 -12.67 -27.82
CA SER A 649 -13.42 -12.81 -29.11
C SER A 649 -14.24 -12.19 -30.23
N THR A 650 -15.35 -11.55 -29.90
CA THR A 650 -16.25 -11.00 -30.92
C THR A 650 -16.58 -9.53 -30.69
N ALA A 651 -16.71 -9.09 -29.45
CA ALA A 651 -16.95 -7.69 -29.17
C ALA A 651 -15.79 -6.85 -29.68
N GLU A 652 -16.10 -5.67 -30.22
CA GLU A 652 -15.04 -4.82 -30.74
C GLU A 652 -14.17 -4.28 -29.61
N GLN A 653 -14.71 -4.17 -28.41
CA GLN A 653 -13.97 -3.64 -27.29
C GLN A 653 -12.95 -4.62 -26.74
N TYR A 654 -13.15 -5.92 -26.93
CA TYR A 654 -12.31 -6.94 -26.33
C TYR A 654 -11.46 -7.71 -27.33
N LYS A 655 -11.81 -7.70 -28.61
CA LYS A 655 -11.24 -8.70 -29.51
C LYS A 655 -9.84 -8.33 -29.98
N ASN A 656 -9.44 -7.08 -29.83
CA ASN A 656 -8.10 -6.69 -30.25
C ASN A 656 -7.03 -7.06 -29.25
N GLY A 657 -7.41 -7.56 -28.08
CA GLY A 657 -6.37 -7.82 -27.11
C GLY A 657 -5.87 -6.54 -26.49
N ILE A 658 -4.58 -6.52 -26.19
CA ILE A 658 -3.93 -5.42 -25.50
C ILE A 658 -2.71 -5.01 -26.30
N SER A 659 -2.32 -3.75 -26.20
CA SER A 659 -1.05 -3.23 -26.71
C SER A 659 -0.96 -1.79 -26.22
N GLN A 660 -0.42 -1.61 -25.03
CA GLN A 660 -0.68 -0.42 -24.26
C GLN A 660 0.60 0.23 -23.76
N VAL A 661 1.14 1.14 -24.56
CA VAL A 661 2.27 1.96 -24.19
C VAL A 661 1.78 3.03 -23.24
N GLY A 662 2.49 3.26 -22.16
CA GLY A 662 2.10 4.26 -21.17
C GLY A 662 3.28 4.76 -20.38
N ALA A 663 3.40 6.08 -20.28
CA ALA A 663 4.53 6.71 -19.62
C ALA A 663 4.05 7.44 -18.39
N VAL A 664 4.73 7.24 -17.27
CA VAL A 664 4.48 7.97 -16.04
C VAL A 664 5.70 8.81 -15.72
N ALA A 665 5.48 10.07 -15.35
CA ALA A 665 6.59 10.95 -15.04
C ALA A 665 6.23 11.76 -13.81
N SER A 666 7.22 12.41 -13.22
CA SER A 666 7.00 13.29 -12.08
C SER A 666 8.25 14.12 -11.84
N TRP A 667 8.09 15.41 -11.70
CA TRP A 667 9.28 16.26 -11.66
C TRP A 667 9.03 17.59 -10.99
N PRO A 668 9.87 18.01 -10.05
CA PRO A 668 9.68 19.33 -9.43
C PRO A 668 10.09 20.45 -10.38
N ILE A 669 9.59 21.64 -10.08
CA ILE A 669 9.93 22.87 -10.79
C ILE A 669 10.10 23.97 -9.76
N ALA A 670 11.24 24.66 -9.80
CA ALA A 670 11.55 25.72 -8.85
C ALA A 670 11.44 25.24 -7.40
N ASP A 671 11.53 23.92 -7.20
CA ASP A 671 11.54 23.28 -5.89
C ASP A 671 10.24 23.49 -5.12
N ARG A 672 9.51 24.57 -5.40
CA ARG A 672 8.25 24.81 -4.71
C ARG A 672 7.09 24.15 -5.44
N TRP A 673 7.26 23.90 -6.73
CA TRP A 673 6.20 23.30 -7.53
C TRP A 673 6.43 21.81 -7.72
N SER A 674 5.59 21.21 -8.54
CA SER A 674 5.64 19.79 -8.86
C SER A 674 4.74 19.55 -10.04
N ILE A 675 5.01 18.51 -10.80
CA ILE A 675 4.14 18.06 -11.88
C ILE A 675 4.16 16.54 -11.87
N VAL A 676 3.00 15.95 -12.05
CA VAL A 676 2.87 14.50 -12.14
C VAL A 676 2.11 14.18 -13.40
N GLY A 677 2.62 13.22 -14.17
CA GLY A 677 1.97 12.87 -15.40
C GLY A 677 1.63 11.40 -15.46
N ALA A 678 0.98 11.00 -16.53
CA ALA A 678 0.71 9.61 -16.88
C ALA A 678 -0.10 9.66 -18.14
N TYR A 679 0.18 8.78 -19.09
CA TYR A 679 -0.53 8.86 -20.36
C TYR A 679 -0.49 7.49 -21.01
N TYR A 680 -1.52 6.71 -20.79
CA TYR A 680 -1.56 5.34 -21.30
C TYR A 680 -2.30 5.32 -22.61
N TYR A 681 -1.68 4.73 -23.62
CA TYR A 681 -2.15 4.79 -24.99
C TYR A 681 -2.45 3.36 -25.41
N ASP A 682 -3.35 3.18 -26.36
CA ASP A 682 -3.67 1.82 -26.79
C ASP A 682 -3.32 1.67 -28.26
N THR A 683 -2.08 1.29 -28.55
CA THR A 683 -1.54 1.40 -29.89
C THR A 683 -2.32 0.64 -30.94
N ASN A 684 -3.12 -0.35 -30.54
CA ASN A 684 -3.96 -1.04 -31.52
C ASN A 684 -4.97 -0.09 -32.15
N ALA A 685 -5.72 0.62 -31.31
CA ALA A 685 -6.76 1.51 -31.79
C ALA A 685 -6.31 2.96 -31.90
N ASN A 686 -5.07 3.26 -31.53
CA ASN A 686 -4.52 4.60 -31.61
C ASN A 686 -5.32 5.58 -30.75
N LYS A 687 -5.96 5.05 -29.71
CA LYS A 687 -6.85 5.83 -28.87
C LYS A 687 -6.34 5.83 -27.44
N GLN A 688 -6.31 7.01 -26.85
CA GLN A 688 -5.96 7.17 -25.44
C GLN A 688 -6.84 6.30 -24.56
N ALA A 689 -6.27 5.82 -23.45
CA ALA A 689 -7.03 5.03 -22.49
C ALA A 689 -6.84 5.49 -21.06
N ASP A 690 -6.20 6.63 -20.86
CA ASP A 690 -6.03 7.28 -19.57
C ASP A 690 -5.16 8.50 -19.78
N SER A 691 -5.05 9.33 -18.76
CA SER A 691 -4.08 10.42 -18.73
C SER A 691 -4.15 11.04 -17.36
N MET A 692 -3.37 12.09 -17.14
CA MET A 692 -3.42 12.86 -15.90
C MET A 692 -2.44 14.01 -16.03
N LEU A 693 -2.68 15.07 -15.27
CA LEU A 693 -1.75 16.18 -15.18
C LEU A 693 -1.93 16.87 -13.84
N GLY A 694 -1.39 16.27 -12.79
CA GLY A 694 -1.48 16.84 -11.45
C GLY A 694 -0.38 17.88 -11.25
N VAL A 695 -0.75 19.00 -10.64
CA VAL A 695 0.17 20.09 -10.37
C VAL A 695 0.01 20.51 -8.92
N GLN A 696 1.12 20.63 -8.20
CA GLN A 696 1.09 21.01 -6.79
C GLN A 696 2.06 22.14 -6.54
N TYR A 697 1.66 23.08 -5.67
CA TYR A 697 2.51 24.18 -5.25
C TYR A 697 2.65 24.12 -3.74
N SER A 698 3.72 23.50 -3.26
CA SER A 698 3.95 23.33 -1.84
C SER A 698 4.65 24.56 -1.27
N SER A 699 4.21 24.99 -0.10
CA SER A 699 4.81 26.12 0.61
C SER A 699 4.84 25.80 2.10
N CYS A 700 5.39 26.73 2.87
CA CYS A 700 5.48 26.53 4.32
C CYS A 700 4.12 26.46 4.99
N CYS A 701 3.17 27.28 4.56
CA CYS A 701 1.88 27.36 5.24
C CYS A 701 0.70 26.87 4.43
N TYR A 702 0.87 26.51 3.16
CA TYR A 702 -0.24 25.94 2.40
C TYR A 702 0.29 25.31 1.13
N ALA A 703 -0.36 24.22 0.72
CA ALA A 703 -0.02 23.51 -0.51
C ALA A 703 -1.29 23.20 -1.27
N ILE A 704 -1.37 23.69 -2.51
CA ILE A 704 -2.55 23.53 -3.35
C ILE A 704 -2.24 22.49 -4.41
N ARG A 705 -3.26 21.75 -4.84
CA ARG A 705 -3.12 20.68 -5.82
C ARG A 705 -4.29 20.74 -6.79
N VAL A 706 -4.04 20.52 -8.07
CA VAL A 706 -5.06 20.52 -9.09
C VAL A 706 -4.83 19.35 -10.02
N GLY A 707 -5.60 18.30 -9.85
CA GLY A 707 -5.45 17.11 -10.68
C GLY A 707 -6.23 17.23 -11.97
N TYR A 708 -6.26 16.16 -12.73
CA TYR A 708 -7.03 16.04 -13.95
C TYR A 708 -6.90 14.60 -14.40
N GLU A 709 -7.81 14.13 -15.24
CA GLU A 709 -7.79 12.74 -15.65
C GLU A 709 -8.90 12.45 -16.64
N ARG A 710 -8.54 12.02 -17.83
CA ARG A 710 -9.52 11.65 -18.84
C ARG A 710 -9.38 10.15 -19.08
N LYS A 711 -10.34 9.38 -18.62
CA LYS A 711 -10.19 7.94 -18.56
C LYS A 711 -11.30 7.25 -19.33
N LEU A 712 -11.02 6.03 -19.78
CA LEU A 712 -12.04 5.24 -20.46
C LEU A 712 -13.09 4.76 -19.47
N ASN A 713 -14.34 5.14 -19.70
CA ASN A 713 -15.36 5.01 -18.67
C ASN A 713 -16.60 4.30 -19.18
N GLY A 714 -16.42 3.27 -20.00
CA GLY A 714 -17.54 2.47 -20.45
C GLY A 714 -17.64 2.45 -21.96
N TRP A 715 -18.72 1.84 -22.44
CA TRP A 715 -18.89 1.62 -23.87
C TRP A 715 -20.29 1.98 -24.29
N ASP A 716 -20.42 2.62 -25.44
CA ASP A 716 -21.70 3.04 -25.99
C ASP A 716 -22.09 2.05 -27.09
N ASN A 717 -23.05 1.18 -26.78
CA ASN A 717 -23.42 0.14 -27.73
C ASN A 717 -24.06 0.68 -29.00
N ASP A 718 -24.81 1.77 -28.91
CA ASP A 718 -25.47 2.33 -30.09
C ASP A 718 -24.47 2.81 -31.13
N LYS A 719 -23.51 3.63 -30.71
CA LYS A 719 -22.54 4.20 -31.64
C LYS A 719 -21.29 3.35 -31.78
N GLN A 720 -21.13 2.32 -30.95
CA GLN A 720 -19.98 1.43 -31.00
C GLN A 720 -18.68 2.20 -30.87
N HIS A 721 -18.67 3.17 -29.95
CA HIS A 721 -17.45 3.92 -29.62
C HIS A 721 -17.46 4.21 -28.13
N ALA A 722 -16.28 4.20 -27.54
CA ALA A 722 -16.16 4.27 -26.09
C ALA A 722 -16.47 5.67 -25.58
N VAL A 723 -16.67 5.79 -24.27
CA VAL A 723 -17.06 7.05 -23.64
C VAL A 723 -16.03 7.41 -22.57
N TYR A 724 -15.52 8.64 -22.64
CA TYR A 724 -14.47 9.10 -21.76
C TYR A 724 -15.08 9.93 -20.64
N ASP A 725 -14.25 10.43 -19.73
CA ASP A 725 -14.74 11.08 -18.54
C ASP A 725 -13.66 11.89 -17.85
N ASN A 726 -13.74 13.21 -17.96
CA ASN A 726 -12.79 14.12 -17.32
C ASN A 726 -13.08 14.17 -15.83
N ALA A 727 -12.17 14.75 -15.06
CA ALA A 727 -12.32 14.78 -13.61
C ALA A 727 -11.33 15.72 -12.95
N ILE A 728 -11.40 17.00 -13.27
CA ILE A 728 -10.50 18.01 -12.70
C ILE A 728 -10.94 18.33 -11.28
N GLY A 729 -10.00 18.31 -10.33
CA GLY A 729 -10.31 18.53 -8.93
C GLY A 729 -9.25 19.35 -8.22
N PHE A 730 -9.66 20.09 -7.19
CA PHE A 730 -8.81 21.04 -6.49
C PHE A 730 -8.77 20.71 -5.01
N ASN A 731 -7.57 20.55 -4.45
CA ASN A 731 -7.39 20.27 -3.03
C ASN A 731 -6.49 21.31 -2.39
N ILE A 732 -6.86 21.77 -1.20
CA ILE A 732 -6.05 22.69 -0.42
C ILE A 732 -5.76 22.03 0.92
N GLU A 733 -4.56 22.25 1.45
CA GLU A 733 -4.19 21.71 2.74
C GLU A 733 -3.09 22.55 3.36
N LEU A 734 -3.40 23.18 4.48
CA LEU A 734 -2.44 24.03 5.18
C LEU A 734 -1.30 23.18 5.72
N ARG A 735 -0.09 23.72 5.65
CA ARG A 735 1.11 23.03 6.07
C ARG A 735 1.65 23.62 7.36
N GLY A 744 2.40 14.53 -1.07
CA GLY A 744 1.36 14.86 -2.03
C GLY A 744 1.63 14.30 -3.41
N THR A 745 2.88 13.89 -3.67
CA THR A 745 3.20 13.27 -4.93
C THR A 745 2.61 11.87 -5.03
N GLN A 746 2.81 11.05 -4.01
CA GLN A 746 2.42 9.65 -4.08
C GLN A 746 0.90 9.50 -4.02
N GLU A 747 0.18 10.58 -3.73
CA GLU A 747 -1.27 10.51 -3.79
C GLU A 747 -1.78 10.97 -5.15
N MET A 748 -0.91 11.61 -5.94
CA MET A 748 -1.27 11.95 -7.31
C MET A 748 -0.96 10.81 -8.26
N LEU A 749 0.20 10.17 -8.09
CA LEU A 749 0.63 9.11 -8.99
C LEU A 749 -0.25 7.88 -8.88
N ARG A 750 -0.91 7.67 -7.73
CA ARG A 750 -1.72 6.50 -7.51
C ARG A 750 -3.20 6.79 -7.56
N SER A 751 -3.62 7.78 -8.34
CA SER A 751 -5.02 8.10 -8.44
C SER A 751 -5.68 7.54 -9.68
N ASN A 752 -5.04 7.63 -10.84
CA ASN A 752 -5.70 7.24 -12.07
C ASN A 752 -6.00 5.75 -12.08
N ILE A 753 -6.83 5.33 -13.04
CA ILE A 753 -7.30 3.95 -13.08
C ILE A 753 -6.16 2.97 -13.23
N LEU A 754 -5.07 3.36 -13.87
CA LEU A 754 -3.86 2.55 -13.98
C LEU A 754 -2.82 3.14 -13.06
N PRO A 755 -2.88 2.85 -11.77
CA PRO A 755 -2.04 3.54 -10.81
C PRO A 755 -0.57 3.19 -11.00
N TYR A 756 0.27 4.16 -10.65
CA TYR A 756 1.72 3.96 -10.73
C TYR A 756 2.15 2.82 -9.81
N GLN A 757 3.04 1.98 -10.30
CA GLN A 757 3.45 0.78 -9.60
C GLN A 757 4.95 0.64 -9.75
N ASN A 758 5.69 0.97 -8.69
CA ASN A 758 7.13 1.16 -8.77
C ASN A 758 7.81 -0.11 -9.27
N THR A 759 8.76 0.04 -10.20
CA THR A 759 9.53 -1.09 -10.67
C THR A 759 10.98 -1.03 -10.24
N LEU A 760 11.26 -0.79 -8.96
CA LEU A 760 12.61 -0.88 -8.43
C LEU A 760 12.60 -1.56 -7.07
N CYS B 1 33.67 -22.69 -21.28
CA CYS B 1 33.74 -21.24 -21.41
C CYS B 1 34.18 -20.61 -20.11
N GLY B 2 34.86 -21.39 -19.28
CA GLY B 2 35.23 -20.98 -17.94
C GLY B 2 34.28 -21.41 -16.86
N TRP B 3 33.15 -22.03 -17.22
CA TRP B 3 32.17 -22.42 -16.22
C TRP B 3 32.71 -23.51 -15.32
N HIS B 4 32.62 -23.28 -14.01
CA HIS B 4 32.96 -24.28 -13.02
C HIS B 4 31.83 -24.40 -12.03
N LEU B 5 31.54 -25.62 -11.60
CA LEU B 5 30.48 -25.83 -10.63
C LEU B 5 30.74 -25.01 -9.38
N ARG B 6 29.68 -24.39 -8.87
CA ARG B 6 29.81 -23.46 -7.76
C ARG B 6 30.45 -24.14 -6.56
N ASP B 7 31.44 -23.49 -5.97
CA ASP B 7 32.13 -24.05 -4.81
C ASP B 7 31.40 -23.79 -3.51
N THR B 8 31.20 -22.52 -3.16
CA THR B 8 30.59 -22.13 -1.90
C THR B 8 29.07 -22.25 -1.97
N THR B 9 28.49 -22.52 -0.81
CA THR B 9 27.04 -22.61 -0.69
C THR B 9 26.38 -21.27 -1.02
N GLN B 10 25.06 -21.31 -1.16
CA GLN B 10 24.31 -20.08 -1.43
C GLN B 10 24.41 -19.10 -0.28
N VAL B 11 24.18 -19.57 0.95
CA VAL B 11 24.37 -18.74 2.14
C VAL B 11 25.86 -18.67 2.43
N PRO B 12 26.35 -17.61 3.05
CA PRO B 12 27.76 -17.56 3.42
C PRO B 12 28.10 -18.63 4.44
N SER B 13 29.39 -18.73 4.77
CA SER B 13 29.82 -19.71 5.74
C SER B 13 29.46 -19.29 7.16
N THR B 14 29.37 -17.99 7.41
CA THR B 14 29.15 -17.48 8.76
C THR B 14 27.68 -17.39 9.14
N MET B 15 26.76 -17.58 8.19
CA MET B 15 25.33 -17.55 8.48
C MET B 15 24.71 -18.94 8.45
N LYS B 16 25.54 -19.98 8.40
CA LYS B 16 25.01 -21.33 8.29
C LYS B 16 24.19 -21.74 9.50
N VAL B 17 24.32 -21.01 10.62
CA VAL B 17 23.38 -21.08 11.72
C VAL B 17 22.88 -19.66 11.96
N MET B 18 21.56 -19.51 12.06
CA MET B 18 21.01 -18.17 12.15
C MET B 18 19.61 -18.21 12.74
N ILE B 19 19.30 -17.19 13.53
CA ILE B 19 18.02 -17.03 14.19
C ILE B 19 17.04 -16.39 13.23
N LEU B 20 15.89 -17.02 13.05
CA LEU B 20 14.81 -16.46 12.22
C LEU B 20 13.78 -15.83 13.15
N ASP B 21 13.98 -14.56 13.47
CA ASP B 21 13.00 -13.77 14.19
C ASP B 21 11.95 -13.32 13.19
N SER B 22 10.76 -12.98 13.68
CA SER B 22 9.71 -12.47 12.82
C SER B 22 8.63 -11.86 13.68
N GLY B 23 7.74 -11.07 13.07
CA GLY B 23 6.62 -10.53 13.81
C GLY B 23 5.38 -11.38 13.76
N ASP B 24 5.27 -12.24 12.76
CA ASP B 24 4.12 -13.12 12.57
C ASP B 24 4.70 -14.50 12.27
N PRO B 25 5.23 -15.18 13.27
CA PRO B 25 6.08 -16.35 13.00
C PRO B 25 5.37 -17.51 12.34
N ASN B 26 4.04 -17.55 12.36
CA ASN B 26 3.31 -18.65 11.75
C ASN B 26 2.73 -18.29 10.40
N GLY B 27 3.01 -17.10 9.87
CA GLY B 27 2.40 -16.64 8.65
C GLY B 27 2.81 -17.45 7.43
N PRO B 28 2.54 -16.90 6.24
CA PRO B 28 3.02 -17.58 5.03
C PRO B 28 4.39 -17.14 4.59
N LEU B 29 4.78 -15.88 4.85
CA LEU B 29 6.12 -15.47 4.48
C LEU B 29 7.15 -16.12 5.39
N SER B 30 6.87 -16.19 6.69
CA SER B 30 7.82 -16.84 7.56
C SER B 30 7.93 -18.32 7.25
N ARG B 31 6.82 -18.94 6.84
CA ARG B 31 6.90 -20.33 6.40
C ARG B 31 7.73 -20.47 5.13
N ALA B 32 7.55 -19.57 4.16
CA ALA B 32 8.33 -19.65 2.93
C ALA B 32 9.81 -19.47 3.22
N VAL B 33 10.16 -18.49 4.07
CA VAL B 33 11.56 -18.22 4.36
C VAL B 33 12.17 -19.36 5.17
N ARG B 34 11.40 -19.91 6.11
CA ARG B 34 11.91 -21.02 6.90
C ARG B 34 12.18 -22.23 6.02
N ASN B 35 11.27 -22.51 5.08
CA ASN B 35 11.48 -23.62 4.17
C ASN B 35 12.68 -23.38 3.26
N GLN B 36 12.83 -22.16 2.76
CA GLN B 36 13.98 -21.84 1.91
C GLN B 36 15.29 -22.02 2.66
N LEU B 37 15.35 -21.53 3.89
CA LEU B 37 16.58 -21.67 4.68
C LEU B 37 16.84 -23.13 5.01
N ARG B 38 15.79 -23.92 5.14
CA ARG B 38 16.01 -25.36 5.30
C ARG B 38 16.64 -25.96 4.05
N LEU B 39 16.14 -25.59 2.86
CA LEU B 39 16.64 -26.20 1.64
C LEU B 39 18.11 -25.88 1.39
N ASN B 40 18.65 -24.85 2.03
CA ASN B 40 20.04 -24.45 1.89
C ASN B 40 20.92 -25.01 2.99
N GLY B 41 20.40 -25.89 3.83
CA GLY B 41 21.18 -26.44 4.91
C GLY B 41 21.58 -25.42 5.95
N VAL B 42 20.65 -24.57 6.36
CA VAL B 42 20.90 -23.56 7.39
C VAL B 42 20.28 -24.03 8.69
N GLU B 43 21.04 -23.96 9.78
CA GLU B 43 20.52 -24.33 11.09
C GLU B 43 19.72 -23.17 11.66
N LEU B 44 18.45 -23.42 11.96
CA LEU B 44 17.54 -22.40 12.45
C LEU B 44 17.37 -22.53 13.96
N LEU B 45 17.72 -21.48 14.68
CA LEU B 45 17.55 -21.43 16.13
C LEU B 45 16.29 -20.64 16.47
N ASP B 46 15.74 -20.91 17.64
CA ASP B 46 14.64 -20.12 18.14
C ASP B 46 15.12 -18.72 18.51
N LYS B 47 14.18 -17.77 18.56
CA LYS B 47 14.53 -16.44 19.00
C LYS B 47 14.98 -16.42 20.45
N GLU B 48 14.64 -17.46 21.22
CA GLU B 48 14.93 -17.50 22.65
C GLU B 48 16.25 -18.18 22.97
N THR B 49 17.05 -18.53 21.98
CA THR B 49 18.29 -19.26 22.26
C THR B 49 19.26 -18.37 23.03
N THR B 50 20.23 -19.00 23.69
CA THR B 50 21.20 -18.26 24.47
C THR B 50 22.45 -17.92 23.67
N ARG B 51 22.61 -18.45 22.47
CA ARG B 51 23.79 -18.12 21.67
C ARG B 51 23.70 -16.69 21.17
N LYS B 52 24.78 -15.94 21.35
CA LYS B 52 24.81 -14.53 21.02
C LYS B 52 25.56 -14.23 19.72
N ASP B 53 26.64 -14.96 19.45
CA ASP B 53 27.46 -14.71 18.27
C ASP B 53 26.74 -15.02 16.96
N VAL B 54 25.59 -15.68 17.01
CA VAL B 54 24.89 -16.13 15.82
C VAL B 54 24.18 -14.93 15.19
N PRO B 55 24.17 -14.80 13.87
CA PRO B 55 23.43 -13.70 13.25
C PRO B 55 21.95 -14.04 13.18
N SER B 56 21.13 -13.01 12.98
CA SER B 56 19.69 -13.17 12.98
C SER B 56 19.08 -12.47 11.78
N LEU B 57 17.96 -13.00 11.32
CA LEU B 57 17.24 -12.47 10.17
C LEU B 57 15.86 -12.06 10.64
N ARG B 58 15.60 -10.76 10.69
CA ARG B 58 14.33 -10.25 11.14
C ARG B 58 13.47 -9.88 9.94
N LEU B 59 12.25 -10.41 9.89
CA LEU B 59 11.37 -10.11 8.77
C LEU B 59 10.40 -8.99 9.11
N GLY B 60 10.22 -8.07 8.18
CA GLY B 60 9.37 -6.92 8.34
C GLY B 60 8.09 -7.02 7.55
N LYS B 61 7.48 -5.88 7.29
CA LYS B 61 6.15 -5.84 6.72
C LYS B 61 6.12 -6.44 5.32
N VAL B 62 5.07 -7.19 5.03
CA VAL B 62 4.80 -7.75 3.71
C VAL B 62 3.57 -7.06 3.16
N SER B 63 3.69 -6.47 1.98
CA SER B 63 2.62 -5.63 1.44
C SER B 63 2.26 -6.04 0.03
N ILE B 64 1.24 -6.86 -0.10
CA ILE B 64 0.72 -7.30 -1.39
C ILE B 64 -0.20 -6.21 -1.92
N ALA B 65 0.10 -5.70 -3.10
CA ALA B 65 -0.72 -4.67 -3.72
C ALA B 65 -1.14 -5.09 -5.12
N LYS B 66 -2.44 -5.17 -5.34
CA LYS B 66 -3.00 -5.59 -6.62
C LYS B 66 -3.67 -4.39 -7.27
N ASP B 67 -3.25 -4.07 -8.49
CA ASP B 67 -3.78 -2.92 -9.21
C ASP B 67 -4.07 -3.29 -10.64
N THR B 68 -4.85 -2.45 -11.30
CA THR B 68 -5.05 -2.58 -12.73
C THR B 68 -3.73 -2.38 -13.44
N ALA B 69 -3.52 -3.10 -14.51
CA ALA B 69 -2.32 -2.86 -15.30
C ALA B 69 -2.62 -2.61 -16.76
N SER B 70 -3.80 -2.96 -17.23
CA SER B 70 -4.10 -2.79 -18.63
C SER B 70 -5.60 -2.96 -18.84
N VAL B 71 -6.22 -1.94 -19.39
CA VAL B 71 -7.66 -1.90 -19.56
C VAL B 71 -8.02 -2.22 -21.00
N PHE B 72 -9.14 -2.88 -21.19
CA PHE B 72 -9.66 -3.11 -22.53
C PHE B 72 -10.12 -1.79 -23.13
N ARG B 73 -10.78 -1.87 -24.27
CA ARG B 73 -11.22 -0.65 -24.92
C ARG B 73 -12.41 -0.02 -24.23
N ASN B 74 -12.92 -0.61 -23.18
CA ASN B 74 -14.08 -0.04 -22.51
C ASN B 74 -13.88 0.20 -21.03
N GLY B 75 -12.65 0.44 -20.60
CA GLY B 75 -12.37 0.70 -19.22
C GLY B 75 -12.10 -0.51 -18.37
N GLN B 76 -12.79 -1.62 -18.63
CA GLN B 76 -12.70 -2.80 -17.79
C GLN B 76 -11.26 -3.26 -17.65
N THR B 77 -10.89 -3.65 -16.44
CA THR B 77 -9.56 -4.19 -16.22
C THR B 77 -9.37 -5.43 -17.05
N ALA B 78 -8.23 -5.52 -17.71
CA ALA B 78 -7.93 -6.70 -18.48
C ALA B 78 -6.79 -7.48 -17.86
N GLU B 79 -6.12 -6.91 -16.88
CA GLU B 79 -4.88 -7.49 -16.41
C GLU B 79 -4.47 -6.84 -15.10
N TYR B 80 -4.54 -7.58 -14.02
CA TYR B 80 -4.15 -7.09 -12.71
C TYR B 80 -2.68 -7.40 -12.48
N GLN B 81 -1.94 -6.42 -12.02
CA GLN B 81 -0.53 -6.60 -11.71
C GLN B 81 -0.33 -6.52 -10.21
N MET B 82 0.27 -7.56 -9.64
CA MET B 82 0.40 -7.69 -8.20
C MET B 82 1.86 -7.52 -7.79
N ILE B 83 2.09 -6.90 -6.65
CA ILE B 83 3.42 -6.70 -6.09
C ILE B 83 3.46 -7.25 -4.69
N MET B 84 4.51 -7.99 -4.36
CA MET B 84 4.88 -8.27 -2.99
C MET B 84 6.12 -7.47 -2.66
N THR B 85 6.20 -6.94 -1.45
CA THR B 85 7.33 -6.12 -1.03
C THR B 85 7.72 -6.49 0.37
N VAL B 86 8.53 -7.52 0.51
CA VAL B 86 9.04 -7.98 1.79
C VAL B 86 10.20 -7.10 2.19
N ASN B 87 10.18 -6.61 3.42
CA ASN B 87 11.32 -5.94 4.00
C ASN B 87 11.88 -6.81 5.12
N ALA B 88 13.18 -6.77 5.31
CA ALA B 88 13.81 -7.56 6.35
C ALA B 88 15.13 -6.91 6.70
N THR B 89 15.68 -7.30 7.84
CA THR B 89 16.99 -6.83 8.25
C THR B 89 17.79 -8.01 8.74
N VAL B 90 19.10 -7.90 8.70
CA VAL B 90 19.99 -8.92 9.23
C VAL B 90 20.93 -8.26 10.24
N LEU B 91 20.82 -8.66 11.50
CA LEU B 91 21.58 -8.04 12.57
C LEU B 91 22.74 -8.93 12.98
N ILE B 92 23.80 -8.94 12.18
CA ILE B 92 25.03 -9.63 12.53
C ILE B 92 25.53 -9.02 13.84
N PRO B 93 25.79 -9.82 14.87
CA PRO B 93 26.03 -9.24 16.19
C PRO B 93 27.48 -8.85 16.45
N GLY B 94 27.66 -7.59 16.86
CA GLY B 94 28.98 -7.00 16.90
C GLY B 94 29.26 -6.10 15.73
N ARG B 95 28.36 -6.04 14.76
CA ARG B 95 28.48 -5.18 13.59
C ARG B 95 27.22 -4.33 13.49
N ASP B 96 26.94 -3.83 12.30
CA ASP B 96 25.76 -3.00 12.09
C ASP B 96 24.53 -3.87 11.87
N ILE B 97 23.54 -3.28 11.22
CA ILE B 97 22.33 -4.00 10.81
C ILE B 97 22.08 -3.73 9.34
N TYR B 98 22.14 -4.78 8.53
CA TYR B 98 22.01 -4.65 7.08
C TYR B 98 20.58 -4.95 6.66
N PRO B 99 19.87 -4.00 6.08
CA PRO B 99 18.52 -4.29 5.61
C PRO B 99 18.54 -4.95 4.24
N ILE B 100 17.65 -5.92 4.06
CA ILE B 100 17.45 -6.57 2.77
C ILE B 100 15.96 -6.61 2.48
N SER B 101 15.60 -6.34 1.24
CA SER B 101 14.21 -6.32 0.81
C SER B 101 14.01 -7.27 -0.34
N ALA B 102 12.78 -7.31 -0.83
CA ALA B 102 12.42 -8.09 -2.00
C ALA B 102 11.32 -7.36 -2.74
N LYS B 103 10.97 -7.88 -3.92
CA LYS B 103 9.92 -7.32 -4.74
C LYS B 103 9.61 -8.32 -5.84
N VAL B 104 8.38 -8.82 -5.85
CA VAL B 104 7.96 -9.83 -6.82
C VAL B 104 6.80 -9.24 -7.58
N PHE B 105 6.88 -9.26 -8.90
CA PHE B 105 5.80 -8.78 -9.75
C PHE B 105 5.13 -9.98 -10.41
N ARG B 106 3.80 -10.03 -10.34
CA ARG B 106 3.03 -11.04 -11.04
C ARG B 106 1.81 -10.38 -11.65
N SER B 107 1.29 -10.97 -12.71
CA SER B 107 0.10 -10.44 -13.35
C SER B 107 -0.80 -11.60 -13.76
N PHE B 108 -2.07 -11.29 -14.02
CA PHE B 108 -3.01 -12.30 -14.46
C PHE B 108 -4.21 -11.60 -15.06
N PHE B 109 -4.85 -12.24 -16.03
CA PHE B 109 -5.97 -11.63 -16.72
C PHE B 109 -7.25 -11.74 -15.90
N ASP B 110 -7.99 -10.65 -15.84
CA ASP B 110 -9.26 -10.64 -15.12
C ASP B 110 -10.37 -11.21 -15.99
N ASN B 111 -11.38 -11.79 -15.33
CA ASN B 111 -12.44 -12.54 -16.02
C ASN B 111 -13.65 -12.56 -15.12
N PRO B 112 -14.60 -11.64 -15.31
CA PRO B 112 -15.77 -11.58 -14.41
C PRO B 112 -16.66 -12.80 -14.46
N GLN B 113 -16.81 -13.45 -15.62
CA GLN B 113 -17.68 -14.62 -15.69
C GLN B 113 -17.24 -15.73 -14.76
N MET B 114 -15.95 -15.98 -14.64
CA MET B 114 -15.38 -16.95 -13.72
C MET B 114 -14.64 -16.24 -12.60
N ALA B 115 -15.36 -15.51 -11.77
CA ALA B 115 -14.72 -14.70 -10.74
C ALA B 115 -14.13 -15.53 -9.63
N LEU B 116 -14.84 -16.59 -9.21
CA LEU B 116 -14.33 -17.45 -8.16
C LEU B 116 -13.04 -18.13 -8.58
N ALA B 117 -12.95 -18.57 -9.83
CA ALA B 117 -11.73 -19.17 -10.33
C ALA B 117 -10.59 -18.18 -10.34
N LYS B 118 -10.86 -16.91 -10.67
CA LYS B 118 -9.80 -15.91 -10.63
C LYS B 118 -9.39 -15.59 -9.22
N ASP B 119 -10.27 -15.73 -8.24
CA ASP B 119 -9.84 -15.51 -6.87
C ASP B 119 -8.97 -16.66 -6.36
N ASN B 120 -9.31 -17.89 -6.76
CA ASN B 120 -8.41 -19.01 -6.47
C ASN B 120 -7.06 -18.83 -7.16
N GLU B 121 -7.07 -18.32 -8.39
CA GLU B 121 -5.83 -18.04 -9.11
C GLU B 121 -5.03 -16.94 -8.43
N GLN B 122 -5.70 -15.92 -7.91
CA GLN B 122 -5.00 -14.86 -7.19
C GLN B 122 -4.36 -15.39 -5.92
N ASP B 123 -5.05 -16.27 -5.20
CA ASP B 123 -4.45 -16.85 -4.00
C ASP B 123 -3.23 -17.71 -4.35
N MET B 124 -3.32 -18.50 -5.42
CA MET B 124 -2.17 -19.29 -5.85
C MET B 124 -1.00 -18.39 -6.25
N ILE B 125 -1.29 -17.31 -6.97
CA ILE B 125 -0.25 -16.36 -7.35
C ILE B 125 0.41 -15.77 -6.11
N VAL B 126 -0.38 -15.47 -5.08
CA VAL B 126 0.21 -14.87 -3.87
C VAL B 126 1.10 -15.87 -3.15
N LYS B 127 0.69 -17.12 -3.06
CA LYS B 127 1.57 -18.13 -2.46
C LYS B 127 2.90 -18.20 -3.21
N GLU B 128 2.83 -18.24 -4.55
CA GLU B 128 4.06 -18.27 -5.32
C GLU B 128 4.88 -17.00 -5.14
N MET B 129 4.23 -15.86 -4.94
CA MET B 129 4.98 -14.64 -4.72
C MET B 129 5.71 -14.67 -3.40
N TYR B 130 5.10 -15.28 -2.38
CA TYR B 130 5.80 -15.49 -1.11
C TYR B 130 7.02 -16.36 -1.32
N ASP B 131 6.89 -17.43 -2.11
CA ASP B 131 8.05 -18.28 -2.39
C ASP B 131 9.15 -17.51 -3.12
N ARG B 132 8.79 -16.70 -4.11
CA ARG B 132 9.78 -15.92 -4.84
C ARG B 132 10.48 -14.91 -3.95
N ALA B 133 9.74 -14.21 -3.09
CA ALA B 133 10.36 -13.24 -2.20
C ALA B 133 11.28 -13.93 -1.19
N ALA B 134 10.89 -15.11 -0.72
CA ALA B 134 11.77 -15.86 0.15
C ALA B 134 13.05 -16.23 -0.56
N GLU B 135 12.96 -16.61 -1.84
CA GLU B 135 14.17 -16.85 -2.62
C GLU B 135 15.01 -15.59 -2.72
N GLN B 136 14.38 -14.44 -2.97
CA GLN B 136 15.12 -13.22 -3.24
C GLN B 136 15.83 -12.72 -2.00
N LEU B 137 15.28 -12.97 -0.82
CA LEU B 137 15.98 -12.56 0.39
C LEU B 137 17.21 -13.42 0.61
N ILE B 138 17.13 -14.72 0.33
CA ILE B 138 18.26 -15.61 0.60
C ILE B 138 19.35 -15.43 -0.44
N ARG B 139 19.03 -14.77 -1.55
CA ARG B 139 20.05 -14.45 -2.54
C ARG B 139 20.73 -13.13 -2.23
N LYS B 140 20.32 -12.45 -1.17
CA LYS B 140 20.95 -11.21 -0.77
C LYS B 140 21.86 -11.36 0.42
N LEU B 141 21.87 -12.54 1.04
CA LEU B 141 22.80 -12.75 2.15
C LEU B 141 24.27 -12.64 1.75
N PRO B 142 24.73 -13.16 0.61
CA PRO B 142 26.13 -12.96 0.25
C PRO B 142 26.54 -11.50 0.19
N SER B 143 25.67 -10.62 -0.29
CA SER B 143 26.02 -9.20 -0.28
C SER B 143 26.21 -8.68 1.13
N ILE B 144 25.41 -9.20 2.07
CA ILE B 144 25.56 -8.82 3.47
C ILE B 144 26.89 -9.32 4.03
N ARG B 145 27.27 -10.55 3.69
CA ARG B 145 28.57 -11.04 4.13
C ARG B 145 29.69 -10.20 3.55
N ALA B 146 29.57 -9.79 2.28
CA ALA B 146 30.59 -8.95 1.66
C ALA B 146 30.69 -7.60 2.36
N ALA B 147 29.54 -6.99 2.67
CA ALA B 147 29.57 -5.70 3.36
C ALA B 147 30.16 -5.84 4.76
N ASP B 148 29.85 -6.95 5.45
CA ASP B 148 30.42 -7.18 6.77
C ASP B 148 31.94 -7.31 6.67
N ILE B 149 32.43 -8.07 5.69
CA ILE B 149 33.87 -8.22 5.50
C ILE B 149 34.51 -6.86 5.19
N ARG B 150 33.87 -6.07 4.34
CA ARG B 150 34.42 -4.76 3.98
C ARG B 150 34.49 -3.84 5.19
N SER B 151 33.47 -3.86 6.04
CA SER B 151 33.53 -3.09 7.27
C SER B 151 34.64 -3.59 8.18
N ASP B 152 34.84 -4.91 8.23
CA ASP B 152 35.96 -5.46 9.01
C ASP B 152 37.29 -4.92 8.49
N GLU B 153 37.45 -4.87 7.16
CA GLU B 153 38.69 -4.37 6.57
C GLU B 153 38.90 -2.90 6.91
N GLU B 154 37.82 -2.16 7.10
CA GLU B 154 37.91 -0.74 7.43
C GLU B 154 38.44 -0.53 8.85
N CYS C 1 -12.61 23.35 13.38
CA CYS C 1 -11.97 22.37 12.50
C CYS C 1 -11.33 21.23 13.28
N GLY C 2 -11.18 20.08 12.63
CA GLY C 2 -10.70 18.87 13.29
C GLY C 2 -9.36 18.42 12.74
N LEU C 3 -8.92 17.28 13.23
CA LEU C 3 -7.60 16.76 12.89
C LEU C 3 -7.61 15.23 12.94
N LYS C 4 -7.34 14.61 11.79
CA LYS C 4 -7.29 13.16 11.71
C LYS C 4 -5.99 12.68 12.33
N GLY C 5 -5.66 11.41 12.13
CA GLY C 5 -4.42 10.87 12.65
C GLY C 5 -4.48 9.37 12.85
N PRO C 6 -3.32 8.72 12.74
CA PRO C 6 -3.28 7.27 12.94
C PRO C 6 -3.70 6.89 14.34
N LEU C 7 -4.38 5.76 14.45
CA LEU C 7 -4.92 5.32 15.72
C LEU C 7 -3.83 4.64 16.55
N TYR C 8 -4.12 4.50 17.84
CA TYR C 8 -3.24 3.84 18.78
C TYR C 8 -4.09 3.23 19.86
N PHE C 9 -3.53 2.27 20.58
CA PHE C 9 -4.28 1.66 21.67
C PHE C 9 -4.42 2.65 22.82
N PRO C 10 -5.53 2.61 23.56
CA PRO C 10 -5.70 3.54 24.66
C PRO C 10 -4.70 3.27 25.76
N PRO C 11 -4.30 4.30 26.52
CA PRO C 11 -3.35 4.14 27.63
C PRO C 11 -3.85 3.17 28.70
#